data_3N0L
#
_entry.id   3N0L
#
_cell.length_a   58.558
_cell.length_b   108.319
_cell.length_c   126.072
_cell.angle_alpha   90.0
_cell.angle_beta   90.0
_cell.angle_gamma   90.0
#
_symmetry.space_group_name_H-M   'P 21 21 21'
#
loop_
_entity.id
_entity.type
_entity.pdbx_description
1 polymer 'Serine hydroxymethyltransferase'
2 non-polymer 'SULFATE ION'
3 water water
#
_entity_poly.entity_id   1
_entity_poly.type   'polypeptide(L)'
_entity_poly.pdbx_seq_one_letter_code
;SNA(MSE)SLE(MSE)FDKEIFDLTNKELERQCEGLE(MSE)IASENFTLPEV(MSE)EV(MSE)GSILTNKYAEGYPGK
RYYGGCEFVDEIETLAIERCKKLFNCKFANVQPNSGSQANQGVYAALINPGDKILG(MSE)DLSHGGHLTHGAKVSSSGK
(MSE)YESCFYGVELDGRIDYEKVREIAKKEKPKLIVCGASAYARVIDFAKFREIADEIGAYLFADIAHIAGLVVAGEHP
SPFPYAHVVSSTTHKTLRGPRGGII(MSE)TNDEELAKKINSAIFPGIQGGPL(MSE)HVIAAKAVGFKFNLSDEWKVYA
KQVRTNAQVLANVL(MSE)DRKFKLVSDGTDNHLVL(MSE)SFLDREFSGKDADLALGNAGITANKNTVPGEIRSPFITS
GLRLGTPALTARGFKEKE(MSE)EIVSNYIADILDDVNNEKLQENIKQELKKLASNFIIYERA(MSE)F
;
_entity_poly.pdbx_strand_id   A,B
#
# COMPACT_ATOMS: atom_id res chain seq x y z
N ASN A 2 -18.93 -9.48 -16.97
CA ASN A 2 -19.19 -8.08 -16.63
C ASN A 2 -17.94 -7.23 -16.72
N ALA A 3 -17.89 -6.16 -15.93
CA ALA A 3 -16.85 -5.14 -16.06
C ALA A 3 -16.83 -4.63 -17.49
N SER A 5 -17.70 -1.76 -18.68
CA SER A 5 -17.16 -0.41 -18.82
C SER A 5 -15.65 -0.48 -18.97
N LEU A 6 -14.99 -1.29 -18.14
CA LEU A 6 -13.56 -1.48 -18.28
C LEU A 6 -13.22 -2.11 -19.63
N GLU A 7 -14.02 -3.08 -20.06
CA GLU A 7 -13.76 -3.74 -21.32
C GLU A 7 -13.80 -2.75 -22.48
N PHE A 9 -13.46 0.70 -22.13
CA PHE A 9 -12.52 1.81 -21.95
C PHE A 9 -11.06 1.39 -22.11
N ASP A 10 -10.70 0.23 -21.56
CA ASP A 10 -9.29 -0.18 -21.55
C ASP A 10 -9.22 -1.67 -21.82
N LYS A 11 -9.44 -2.02 -23.08
CA LYS A 11 -9.50 -3.41 -23.50
C LYS A 11 -8.23 -4.21 -23.19
N GLU A 12 -7.07 -3.56 -23.29
CA GLU A 12 -5.79 -4.21 -23.04
CA GLU A 12 -5.81 -4.26 -23.05
C GLU A 12 -5.69 -4.71 -21.59
N ILE A 13 -6.02 -3.83 -20.66
CA ILE A 13 -5.97 -4.21 -19.23
C ILE A 13 -7.05 -5.24 -18.91
N PHE A 14 -8.23 -5.05 -19.47
CA PHE A 14 -9.32 -6.01 -19.29
C PHE A 14 -8.88 -7.41 -19.73
N ASP A 15 -8.28 -7.50 -20.92
CA ASP A 15 -7.86 -8.79 -21.47
C ASP A 15 -6.75 -9.44 -20.67
N LEU A 16 -5.81 -8.62 -20.21
CA LEU A 16 -4.67 -9.16 -19.46
C LEU A 16 -5.14 -9.70 -18.12
N THR A 17 -6.09 -9.01 -17.49
CA THR A 17 -6.66 -9.45 -16.23
C THR A 17 -7.39 -10.80 -16.41
N ASN A 18 -8.14 -10.94 -17.50
CA ASN A 18 -8.77 -12.25 -17.78
C ASN A 18 -7.77 -13.37 -18.03
N LYS A 19 -6.68 -13.05 -18.72
CA LYS A 19 -5.64 -14.05 -18.95
C LYS A 19 -5.02 -14.47 -17.64
N GLU A 20 -4.86 -13.53 -16.72
CA GLU A 20 -4.29 -13.88 -15.42
C GLU A 20 -5.25 -14.79 -14.67
N LEU A 21 -6.54 -14.54 -14.80
CA LEU A 21 -7.53 -15.43 -14.17
C LEU A 21 -7.38 -16.83 -14.75
N GLU A 22 -7.26 -16.90 -16.07
CA GLU A 22 -7.14 -18.21 -16.70
C GLU A 22 -5.89 -18.92 -16.21
N ARG A 23 -4.80 -18.17 -16.07
CA ARG A 23 -3.55 -18.74 -15.56
C ARG A 23 -3.71 -19.31 -14.14
N GLN A 24 -4.43 -18.59 -13.27
CA GLN A 24 -4.65 -19.05 -11.89
C GLN A 24 -5.53 -20.30 -11.88
N CYS A 25 -6.50 -20.34 -12.79
CA CYS A 25 -7.40 -21.49 -12.88
C CYS A 25 -6.71 -22.75 -13.41
N GLU A 26 -5.91 -22.58 -14.45
CA GLU A 26 -5.33 -23.71 -15.15
C GLU A 26 -4.09 -24.28 -14.45
N GLY A 27 -3.34 -23.42 -13.77
CA GLY A 27 -2.12 -23.85 -13.11
C GLY A 27 -2.36 -24.42 -11.71
N LEU A 28 -1.34 -25.06 -11.16
CA LEU A 28 -1.36 -25.51 -9.77
C LEU A 28 -0.43 -24.63 -8.95
N GLU A 29 -1.02 -23.78 -8.11
CA GLU A 29 -0.25 -22.82 -7.31
C GLU A 29 0.31 -23.48 -6.06
N ILE A 31 3.46 -22.11 -4.61
CA ILE A 31 4.29 -21.15 -3.89
C ILE A 31 3.70 -21.03 -2.48
N ALA A 32 4.48 -21.35 -1.46
CA ALA A 32 3.96 -21.46 -0.10
C ALA A 32 3.26 -20.20 0.38
N SER A 33 3.64 -19.05 -0.17
CA SER A 33 3.13 -17.79 0.29
C SER A 33 1.97 -17.29 -0.56
N GLU A 34 1.52 -18.09 -1.51
CA GLU A 34 0.41 -17.62 -2.30
CA GLU A 34 0.42 -17.78 -2.42
C GLU A 34 -0.92 -18.17 -1.79
N ASN A 35 -1.99 -17.46 -2.14
CA ASN A 35 -3.31 -17.86 -1.71
C ASN A 35 -4.36 -17.23 -2.60
N PHE A 36 -5.62 -17.59 -2.36
CA PHE A 36 -6.73 -17.04 -3.12
C PHE A 36 -7.66 -16.24 -2.21
N THR A 37 -7.74 -14.95 -2.49
CA THR A 37 -8.61 -14.00 -1.80
C THR A 37 -10.08 -14.41 -1.95
N LEU A 38 -10.88 -14.16 -0.91
CA LEU A 38 -12.33 -14.31 -1.01
C LEU A 38 -12.94 -13.35 -2.00
N PRO A 39 -13.96 -13.80 -2.75
CA PRO A 39 -14.70 -12.92 -3.64
C PRO A 39 -15.27 -11.70 -2.90
N GLU A 40 -15.74 -11.91 -1.66
CA GLU A 40 -16.36 -10.83 -0.91
C GLU A 40 -15.34 -9.77 -0.53
N VAL A 41 -14.11 -10.22 -0.32
CA VAL A 41 -13.03 -9.28 -0.02
C VAL A 41 -12.75 -8.43 -1.25
N GLU A 43 -14.81 -7.72 -3.65
CA GLU A 43 -15.94 -6.84 -3.94
C GLU A 43 -15.75 -5.48 -3.28
N VAL A 44 -15.38 -5.48 -2.01
CA VAL A 44 -15.30 -4.20 -1.29
C VAL A 44 -14.03 -3.43 -1.65
N GLY A 46 -12.96 -2.85 -4.69
CA GLY A 46 -13.25 -2.03 -5.85
C GLY A 46 -14.38 -1.07 -5.55
N SER A 47 -14.22 -0.28 -4.49
CA SER A 47 -15.31 0.55 -4.00
C SER A 47 -14.92 2.01 -3.86
N ILE A 48 -15.92 2.85 -3.63
CA ILE A 48 -15.72 4.28 -3.46
C ILE A 48 -14.96 4.68 -2.18
N LEU A 49 -14.61 3.70 -1.35
CA LEU A 49 -13.80 3.99 -0.17
C LEU A 49 -12.40 4.43 -0.61
N THR A 50 -12.04 4.11 -1.84
CA THR A 50 -10.77 4.62 -2.37
C THR A 50 -10.76 6.16 -2.38
N ASN A 51 -11.93 6.78 -2.35
CA ASN A 51 -12.02 8.25 -2.45
C ASN A 51 -11.80 8.99 -1.14
N LYS A 52 -11.85 8.30 -0.01
CA LYS A 52 -11.73 9.01 1.27
C LYS A 52 -10.29 9.15 1.74
N TYR A 53 -9.90 10.37 2.07
CA TYR A 53 -8.58 10.62 2.65
C TYR A 53 -8.75 10.68 4.16
N ALA A 54 -8.17 9.72 4.86
CA ALA A 54 -8.47 9.55 6.28
C ALA A 54 -7.23 9.51 7.18
N GLU A 55 -6.32 10.45 6.99
CA GLU A 55 -5.13 10.51 7.83
C GLU A 55 -5.52 10.58 9.30
N GLY A 56 -4.79 9.84 10.13
CA GLY A 56 -5.07 9.79 11.56
C GLY A 56 -5.74 8.48 11.93
N TYR A 57 -6.38 8.45 13.09
CA TYR A 57 -7.03 7.23 13.57
C TYR A 57 -8.51 7.51 13.86
N PRO A 58 -9.33 6.44 13.97
CA PRO A 58 -10.77 6.65 14.18
C PRO A 58 -11.03 7.59 15.36
N GLY A 59 -11.85 8.62 15.13
CA GLY A 59 -12.19 9.56 16.17
C GLY A 59 -11.14 10.62 16.37
N LYS A 60 -9.99 10.47 15.71
CA LYS A 60 -8.94 11.48 15.76
C LYS A 60 -8.30 11.66 14.38
N ARG A 61 -9.11 12.06 13.42
CA ARG A 61 -8.65 12.26 12.04
C ARG A 61 -8.28 13.72 11.81
N TYR A 62 -7.49 13.96 10.75
CA TYR A 62 -7.19 15.32 10.37
C TYR A 62 -8.38 15.98 9.66
N TYR A 63 -9.23 15.15 9.06
CA TYR A 63 -10.36 15.67 8.29
C TYR A 63 -11.72 15.26 8.83
N GLY A 64 -12.73 16.09 8.59
CA GLY A 64 -14.10 15.74 8.87
C GLY A 64 -14.64 14.84 7.78
N GLY A 65 -15.88 14.42 7.92
CA GLY A 65 -16.50 13.54 6.94
C GLY A 65 -16.08 12.08 7.13
N CYS A 66 -15.51 11.77 8.30
CA CYS A 66 -14.96 10.43 8.53
C CYS A 66 -15.86 9.51 9.38
N GLU A 67 -17.09 9.94 9.61
CA GLU A 67 -18.03 9.15 10.41
C GLU A 67 -18.05 7.66 10.02
N PHE A 68 -18.21 7.39 8.74
CA PHE A 68 -18.41 6.02 8.28
C PHE A 68 -17.14 5.20 8.09
N VAL A 69 -16.06 5.83 7.62
CA VAL A 69 -14.79 5.12 7.53
C VAL A 69 -14.23 4.85 8.92
N ASP A 70 -14.56 5.70 9.89
CA ASP A 70 -14.15 5.45 11.26
C ASP A 70 -14.79 4.17 11.79
N GLU A 71 -16.06 3.97 11.46
CA GLU A 71 -16.76 2.77 11.87
C GLU A 71 -16.20 1.52 11.16
N ILE A 72 -15.83 1.67 9.90
CA ILE A 72 -15.19 0.58 9.18
C ILE A 72 -13.83 0.18 9.76
N GLU A 73 -12.97 1.17 9.98
CA GLU A 73 -11.66 0.88 10.57
C GLU A 73 -11.79 0.29 11.98
N THR A 74 -12.71 0.84 12.77
CA THR A 74 -12.93 0.32 14.12
C THR A 74 -13.32 -1.15 14.07
N LEU A 75 -14.19 -1.50 13.13
CA LEU A 75 -14.62 -2.87 12.93
C LEU A 75 -13.43 -3.76 12.57
N ALA A 76 -12.55 -3.29 11.69
CA ALA A 76 -11.35 -4.05 11.33
C ALA A 76 -10.45 -4.25 12.54
N ILE A 77 -10.29 -3.20 13.34
CA ILE A 77 -9.43 -3.28 14.51
C ILE A 77 -10.00 -4.28 15.51
N GLU A 78 -11.31 -4.21 15.74
CA GLU A 78 -11.92 -5.05 16.76
C GLU A 78 -11.91 -6.52 16.36
N ARG A 79 -12.11 -6.78 15.07
CA ARG A 79 -12.06 -8.14 14.55
C ARG A 79 -10.63 -8.71 14.62
N CYS A 80 -9.65 -7.86 14.33
CA CYS A 80 -8.25 -8.24 14.42
C CYS A 80 -7.88 -8.60 15.86
N LYS A 81 -8.29 -7.76 16.82
CA LYS A 81 -8.02 -8.01 18.24
C LYS A 81 -8.64 -9.35 18.67
N LYS A 82 -9.86 -9.61 18.22
CA LYS A 82 -10.54 -10.87 18.53
C LYS A 82 -9.82 -12.07 17.91
N LEU A 83 -9.40 -11.93 16.67
CA LEU A 83 -8.72 -13.00 15.96
C LEU A 83 -7.39 -13.40 16.60
N PHE A 84 -6.60 -12.41 17.02
CA PHE A 84 -5.31 -12.66 17.63
C PHE A 84 -5.37 -12.65 19.17
N ASN A 85 -6.58 -12.47 19.71
CA ASN A 85 -6.79 -12.31 21.17
C ASN A 85 -5.77 -11.38 21.79
N CYS A 86 -5.68 -10.15 21.26
CA CYS A 86 -4.75 -9.15 21.79
C CYS A 86 -5.50 -7.85 22.07
N LYS A 87 -4.86 -6.95 22.81
CA LYS A 87 -5.59 -5.79 23.31
CA LYS A 87 -5.51 -5.77 23.36
C LYS A 87 -5.47 -4.57 22.41
N PHE A 88 -4.50 -4.60 21.48
CA PHE A 88 -4.31 -3.49 20.52
C PHE A 88 -3.99 -3.99 19.12
N ALA A 89 -4.55 -3.31 18.10
CA ALA A 89 -4.22 -3.64 16.73
C ALA A 89 -4.15 -2.36 15.90
N ASN A 90 -3.27 -2.37 14.92
CA ASN A 90 -3.18 -1.29 13.95
C ASN A 90 -3.34 -1.94 12.58
N VAL A 91 -4.38 -1.55 11.86
CA VAL A 91 -4.70 -2.18 10.59
C VAL A 91 -4.34 -1.29 9.39
N GLN A 92 -3.65 -0.18 9.65
CA GLN A 92 -3.26 0.74 8.55
C GLN A 92 -2.07 0.35 7.65
N PRO A 93 -1.13 -0.51 8.11
CA PRO A 93 0.04 -0.72 7.23
C PRO A 93 -0.28 -1.16 5.79
N ASN A 94 0.32 -0.47 4.82
CA ASN A 94 0.06 -0.74 3.41
C ASN A 94 0.56 -2.11 2.96
N SER A 95 1.48 -2.68 3.73
CA SER A 95 2.08 -3.95 3.34
C SER A 95 2.79 -4.54 4.55
N GLY A 96 3.24 -5.78 4.41
CA GLY A 96 4.09 -6.39 5.43
C GLY A 96 5.36 -5.58 5.64
N SER A 97 5.94 -5.06 4.56
CA SER A 97 7.16 -4.25 4.71
C SER A 97 6.92 -3.01 5.56
N GLN A 98 5.81 -2.32 5.31
CA GLN A 98 5.48 -1.12 6.08
C GLN A 98 5.14 -1.47 7.53
N ALA A 99 4.47 -2.60 7.73
CA ALA A 99 4.17 -3.04 9.09
C ALA A 99 5.48 -3.20 9.87
N ASN A 100 6.43 -3.92 9.28
CA ASN A 100 7.71 -4.14 9.95
C ASN A 100 8.50 -2.86 10.18
N GLN A 101 8.57 -1.98 9.16
CA GLN A 101 9.19 -0.67 9.36
C GLN A 101 8.55 0.12 10.48
N GLY A 102 7.22 0.01 10.62
CA GLY A 102 6.52 0.69 11.70
C GLY A 102 6.99 0.14 13.05
N VAL A 103 7.13 -1.17 13.12
CA VAL A 103 7.56 -1.78 14.37
C VAL A 103 8.98 -1.36 14.74
N TYR A 104 9.90 -1.40 13.77
CA TYR A 104 11.26 -0.95 14.01
C TYR A 104 11.27 0.50 14.49
N ALA A 105 10.51 1.34 13.81
CA ALA A 105 10.50 2.77 14.11
C ALA A 105 9.93 3.01 15.51
N ALA A 106 9.02 2.15 15.94
CA ALA A 106 8.39 2.29 17.25
C ALA A 106 9.30 1.82 18.39
N LEU A 107 10.08 0.78 18.13
CA LEU A 107 10.81 0.12 19.22
C LEU A 107 12.26 0.53 19.38
N ILE A 108 12.91 0.94 18.29
CA ILE A 108 14.35 1.19 18.36
C ILE A 108 14.70 2.46 17.58
N ASN A 109 15.96 2.83 17.65
CA ASN A 109 16.46 4.03 16.98
C ASN A 109 17.27 3.69 15.73
N PRO A 110 17.30 4.61 14.75
CA PRO A 110 18.14 4.43 13.56
C PRO A 110 19.55 4.06 13.99
N GLY A 111 20.17 3.11 13.32
CA GLY A 111 21.50 2.68 13.71
C GLY A 111 21.54 1.53 14.71
N ASP A 112 20.46 1.37 15.48
CA ASP A 112 20.36 0.27 16.43
C ASP A 112 20.46 -1.09 15.74
N LYS A 113 20.81 -2.12 16.49
CA LYS A 113 21.06 -3.42 15.89
C LYS A 113 19.88 -4.39 16.04
N ILE A 114 19.57 -5.10 14.96
CA ILE A 114 18.50 -6.08 14.92
C ILE A 114 19.06 -7.48 14.63
N LEU A 115 18.62 -8.47 15.41
CA LEU A 115 18.98 -9.86 15.15
C LEU A 115 17.77 -10.60 14.58
N GLY A 116 17.92 -11.14 13.38
CA GLY A 116 16.79 -11.74 12.69
C GLY A 116 17.17 -13.04 12.01
N ASP A 118 17.89 -15.76 9.08
CA ASP A 118 18.44 -15.82 7.74
C ASP A 118 18.19 -17.19 7.10
N LEU A 119 17.18 -17.26 6.23
CA LEU A 119 16.86 -18.49 5.51
C LEU A 119 16.62 -19.67 6.46
N LYS A 136 20.14 -0.03 5.50
CA LYS A 136 20.90 1.18 5.78
C LYS A 136 20.47 1.84 7.08
N TYR A 138 19.19 0.47 9.90
CA TYR A 138 19.58 -0.24 11.12
C TYR A 138 20.74 -1.20 10.85
N GLU A 139 21.44 -1.63 11.90
CA GLU A 139 22.43 -2.68 11.71
C GLU A 139 21.74 -4.03 11.84
N SER A 140 22.09 -4.96 10.95
CA SER A 140 21.48 -6.29 10.93
C SER A 140 22.46 -7.42 11.24
N CYS A 141 22.03 -8.33 12.12
CA CYS A 141 22.77 -9.56 12.40
CA CYS A 141 22.79 -9.56 12.32
C CYS A 141 21.83 -10.74 12.27
N PHE A 142 22.37 -11.95 12.08
CA PHE A 142 21.52 -13.10 11.79
C PHE A 142 21.79 -14.38 12.56
N TYR A 143 20.73 -15.16 12.74
CA TYR A 143 20.87 -16.55 13.16
C TYR A 143 20.27 -17.37 12.03
N GLY A 144 20.54 -18.67 12.01
CA GLY A 144 20.01 -19.51 10.97
C GLY A 144 19.49 -20.83 11.47
N VAL A 145 19.54 -21.84 10.61
CA VAL A 145 19.00 -23.15 10.92
C VAL A 145 20.13 -24.16 10.77
N GLU A 146 20.12 -25.24 11.57
CA GLU A 146 21.17 -26.23 11.51
C GLU A 146 20.92 -27.23 10.40
N LEU A 147 21.84 -28.19 10.22
CA LEU A 147 21.69 -29.17 9.15
C LEU A 147 20.42 -30.02 9.29
N ASP A 148 19.99 -30.25 10.53
CA ASP A 148 18.78 -31.03 10.77
C ASP A 148 17.51 -30.21 10.50
N GLY A 149 17.69 -29.00 9.96
CA GLY A 149 16.56 -28.18 9.56
C GLY A 149 15.82 -27.43 10.66
N ARG A 150 16.42 -27.38 11.85
CA ARG A 150 15.79 -26.73 13.00
C ARG A 150 16.67 -25.66 13.60
N ILE A 151 16.05 -24.67 14.22
CA ILE A 151 16.79 -23.63 14.92
C ILE A 151 17.46 -24.22 16.13
N ASP A 152 18.75 -23.94 16.30
CA ASP A 152 19.46 -24.28 17.54
C ASP A 152 19.37 -23.08 18.49
N TYR A 153 18.48 -23.16 19.48
CA TYR A 153 18.20 -21.99 20.33
C TYR A 153 19.39 -21.57 21.21
N GLU A 154 20.25 -22.53 21.56
CA GLU A 154 21.46 -22.19 22.31
C GLU A 154 22.44 -21.39 21.44
N LYS A 155 22.46 -21.68 20.15
CA LYS A 155 23.29 -20.89 19.24
C LYS A 155 22.72 -19.48 19.08
N VAL A 156 21.41 -19.38 18.93
CA VAL A 156 20.76 -18.07 18.87
C VAL A 156 21.11 -17.29 20.14
N ARG A 157 21.05 -17.97 21.28
CA ARG A 157 21.33 -17.29 22.55
C ARG A 157 22.74 -16.71 22.59
N GLU A 158 23.74 -17.46 22.12
CA GLU A 158 25.10 -16.96 22.19
CA GLU A 158 25.11 -16.98 22.16
C GLU A 158 25.37 -15.86 21.15
N ILE A 159 24.71 -15.93 20.00
CA ILE A 159 24.76 -14.82 19.03
C ILE A 159 24.19 -13.55 19.67
N ALA A 160 23.04 -13.69 20.32
CA ALA A 160 22.41 -12.55 20.99
C ALA A 160 23.29 -11.95 22.08
N LYS A 161 23.94 -12.80 22.88
CA LYS A 161 24.82 -12.30 23.94
C LYS A 161 26.05 -11.60 23.37
N LYS A 162 26.54 -12.09 22.24
CA LYS A 162 27.70 -11.49 21.58
C LYS A 162 27.39 -10.16 20.89
N GLU A 163 26.25 -10.11 20.21
CA GLU A 163 25.91 -8.94 19.39
C GLU A 163 25.14 -7.86 20.16
N LYS A 164 24.42 -8.28 21.20
CA LYS A 164 23.60 -7.38 22.00
C LYS A 164 22.66 -6.49 21.18
N PRO A 165 21.83 -7.11 20.34
CA PRO A 165 20.85 -6.32 19.57
C PRO A 165 19.83 -5.69 20.51
N LYS A 166 19.16 -4.64 20.06
CA LYS A 166 18.09 -4.02 20.84
C LYS A 166 16.77 -4.72 20.52
N LEU A 167 16.75 -5.47 19.43
CA LEU A 167 15.53 -6.13 18.99
C LEU A 167 15.86 -7.46 18.34
N ILE A 168 15.15 -8.50 18.74
CA ILE A 168 15.26 -9.80 18.10
C ILE A 168 13.99 -10.05 17.31
N VAL A 169 14.11 -10.54 16.07
CA VAL A 169 12.95 -10.81 15.24
C VAL A 169 12.89 -12.30 14.97
N CYS A 170 11.69 -12.87 15.05
CA CYS A 170 11.52 -14.25 14.64
C CYS A 170 10.40 -14.35 13.63
N GLY A 171 10.37 -15.47 12.92
CA GLY A 171 9.49 -15.61 11.77
C GLY A 171 10.37 -15.76 10.55
N ALA A 172 9.97 -16.63 9.63
CA ALA A 172 10.74 -16.90 8.44
C ALA A 172 9.84 -17.44 7.34
N SER A 173 10.26 -17.28 6.10
CA SER A 173 9.39 -17.66 5.00
C SER A 173 9.54 -19.14 4.62
N ALA A 174 10.58 -19.81 5.11
CA ALA A 174 10.85 -21.16 4.65
C ALA A 174 11.23 -22.09 5.79
N TYR A 175 10.69 -21.82 6.98
CA TYR A 175 10.97 -22.66 8.14
C TYR A 175 9.79 -23.62 8.29
N ALA A 176 10.07 -24.91 8.37
CA ALA A 176 9.01 -25.92 8.32
C ALA A 176 8.50 -26.37 9.69
N ARG A 177 9.08 -25.84 10.75
CA ARG A 177 8.71 -26.36 12.07
C ARG A 177 8.17 -25.27 12.98
N VAL A 178 7.57 -25.69 14.10
CA VAL A 178 7.00 -24.72 15.02
C VAL A 178 8.10 -23.85 15.60
N ILE A 179 7.85 -22.55 15.65
CA ILE A 179 8.78 -21.58 16.26
C ILE A 179 8.54 -21.55 17.77
N ASP A 180 9.63 -21.65 18.56
CA ASP A 180 9.51 -21.65 20.02
C ASP A 180 9.55 -20.22 20.51
N PHE A 181 8.39 -19.58 20.55
CA PHE A 181 8.32 -18.17 20.93
C PHE A 181 8.79 -17.94 22.36
N ALA A 182 8.49 -18.86 23.28
CA ALA A 182 8.93 -18.69 24.65
C ALA A 182 10.46 -18.64 24.77
N LYS A 183 11.15 -19.49 24.03
CA LYS A 183 12.61 -19.50 24.07
C LYS A 183 13.20 -18.22 23.47
N PHE A 184 12.59 -17.73 22.40
CA PHE A 184 13.03 -16.46 21.83
C PHE A 184 12.87 -15.34 22.86
N ARG A 185 11.77 -15.33 23.60
CA ARG A 185 11.56 -14.28 24.60
C ARG A 185 12.55 -14.41 25.77
N GLU A 186 12.86 -15.64 26.16
CA GLU A 186 13.83 -15.85 27.21
CA GLU A 186 13.83 -15.85 27.21
C GLU A 186 15.19 -15.28 26.79
N ILE A 187 15.56 -15.52 25.54
CA ILE A 187 16.81 -14.99 24.98
C ILE A 187 16.79 -13.46 24.96
N ALA A 188 15.71 -12.88 24.44
CA ALA A 188 15.54 -11.42 24.45
C ALA A 188 15.68 -10.83 25.84
N ASP A 189 15.03 -11.46 26.82
CA ASP A 189 15.08 -11.00 28.20
C ASP A 189 16.48 -10.99 28.77
N GLU A 190 17.28 -12.01 28.43
CA GLU A 190 18.64 -12.12 28.95
C GLU A 190 19.46 -10.88 28.56
N ILE A 191 19.18 -10.31 27.40
CA ILE A 191 19.97 -9.17 26.93
C ILE A 191 19.21 -7.85 26.94
N GLY A 192 17.98 -7.87 27.45
CA GLY A 192 17.18 -6.67 27.56
C GLY A 192 16.65 -6.16 26.22
N ALA A 193 16.48 -7.07 25.26
CA ALA A 193 15.95 -6.72 23.94
C ALA A 193 14.43 -6.93 23.84
N TYR A 194 13.79 -6.23 22.90
CA TYR A 194 12.40 -6.53 22.53
C TYR A 194 12.35 -7.78 21.66
N LEU A 195 11.24 -8.51 21.73
CA LEU A 195 10.99 -9.61 20.80
C LEU A 195 9.84 -9.22 19.88
N PHE A 196 10.12 -9.31 18.58
CA PHE A 196 9.16 -8.98 17.53
C PHE A 196 8.92 -10.27 16.75
N ALA A 197 7.67 -10.75 16.74
CA ALA A 197 7.33 -11.91 15.93
C ALA A 197 6.62 -11.52 14.63
N ASP A 198 7.25 -11.77 13.49
CA ASP A 198 6.61 -11.53 12.20
C ASP A 198 5.98 -12.86 11.77
N ILE A 199 4.66 -12.99 11.94
CA ILE A 199 4.03 -14.27 11.66
C ILE A 199 3.27 -14.28 10.36
N ALA A 200 3.67 -13.42 9.42
CA ALA A 200 2.96 -13.32 8.16
C ALA A 200 2.78 -14.67 7.46
N HIS A 201 3.80 -15.52 7.55
CA HIS A 201 3.77 -16.81 6.84
C HIS A 201 2.98 -17.91 7.52
N ILE A 202 2.56 -17.70 8.77
CA ILE A 202 1.82 -18.72 9.52
C ILE A 202 0.56 -18.20 10.23
N ALA A 203 0.20 -16.94 10.01
CA ALA A 203 -0.86 -16.32 10.79
C ALA A 203 -2.19 -17.07 10.71
N GLY A 204 -2.52 -17.58 9.52
CA GLY A 204 -3.75 -18.32 9.34
C GLY A 204 -3.80 -19.57 10.19
N LEU A 205 -2.64 -20.21 10.36
CA LEU A 205 -2.57 -21.37 11.25
C LEU A 205 -2.69 -20.94 12.72
N VAL A 206 -1.96 -19.89 13.07
CA VAL A 206 -2.03 -19.37 14.43
C VAL A 206 -3.46 -19.03 14.90
N VAL A 207 -4.20 -18.25 14.11
CA VAL A 207 -5.55 -17.84 14.56
C VAL A 207 -6.54 -19.02 14.64
N ALA A 208 -6.18 -20.15 14.04
CA ALA A 208 -7.04 -21.32 14.08
C ALA A 208 -6.62 -22.29 15.19
N GLY A 209 -5.52 -21.97 15.87
CA GLY A 209 -5.01 -22.86 16.90
C GLY A 209 -4.19 -24.01 16.34
N GLU A 210 -3.80 -23.89 15.06
CA GLU A 210 -2.98 -24.91 14.41
C GLU A 210 -1.46 -24.61 14.50
N HIS A 211 -1.13 -23.53 15.20
CA HIS A 211 0.26 -23.20 15.54
C HIS A 211 0.15 -22.38 16.83
N PRO A 212 1.10 -22.54 17.77
CA PRO A 212 1.01 -21.75 19.01
C PRO A 212 1.05 -20.25 18.73
N SER A 213 0.39 -19.46 19.57
CA SER A 213 0.42 -18.00 19.40
C SER A 213 1.75 -17.40 19.86
N PRO A 214 2.21 -16.33 19.19
CA PRO A 214 3.37 -15.59 19.66
C PRO A 214 3.08 -14.84 20.95
N PHE A 215 1.81 -14.55 21.26
CA PHE A 215 1.50 -13.91 22.54
C PHE A 215 1.36 -14.97 23.63
N PRO A 216 1.81 -14.66 24.86
CA PRO A 216 2.31 -13.37 25.35
C PRO A 216 3.82 -13.16 25.23
N TYR A 217 4.51 -14.03 24.50
CA TYR A 217 5.99 -14.00 24.47
C TYR A 217 6.54 -12.83 23.66
N ALA A 218 5.92 -12.55 22.52
CA ALA A 218 6.41 -11.44 21.68
C ALA A 218 5.88 -10.11 22.24
N HIS A 219 6.72 -9.08 22.28
CA HIS A 219 6.23 -7.76 22.67
C HIS A 219 5.27 -7.20 21.61
N VAL A 220 5.58 -7.46 20.35
CA VAL A 220 4.82 -6.94 19.21
C VAL A 220 4.79 -8.01 18.13
N VAL A 221 3.71 -8.07 17.37
CA VAL A 221 3.55 -9.12 16.37
C VAL A 221 3.12 -8.44 15.09
N SER A 222 3.67 -8.84 13.94
CA SER A 222 3.15 -8.32 12.68
C SER A 222 2.65 -9.44 11.79
N SER A 223 1.84 -9.08 10.81
CA SER A 223 1.44 -10.08 9.86
C SER A 223 1.01 -9.37 8.58
N THR A 224 0.92 -10.15 7.50
CA THR A 224 0.26 -9.67 6.29
C THR A 224 -1.11 -10.33 6.25
N THR A 225 -2.02 -9.79 5.44
CA THR A 225 -3.39 -10.25 5.47
C THR A 225 -3.78 -11.15 4.28
N HIS A 226 -2.88 -11.39 3.32
CA HIS A 226 -3.26 -12.20 2.14
C HIS A 226 -2.73 -13.64 2.16
N LYS A 227 -1.44 -13.79 2.39
CA LYS A 227 -0.74 -15.08 2.27
C LYS A 227 -1.44 -16.27 2.91
N THR A 228 -1.75 -16.11 4.19
CA THR A 228 -2.23 -17.23 4.99
C THR A 228 -3.66 -16.94 5.51
N LEU A 229 -4.05 -15.67 5.47
CA LEU A 229 -5.38 -15.27 5.96
C LEU A 229 -6.42 -15.07 4.84
N ARG A 230 -5.97 -15.09 3.58
CA ARG A 230 -6.89 -14.96 2.44
C ARG A 230 -7.65 -13.66 2.38
N GLY A 231 -7.09 -12.63 3.00
CA GLY A 231 -7.64 -11.29 2.87
C GLY A 231 -6.90 -10.56 1.76
N PRO A 232 -6.99 -9.23 1.75
CA PRO A 232 -6.31 -8.47 0.70
C PRO A 232 -4.82 -8.36 1.01
N ARG A 233 -4.02 -7.85 0.08
CA ARG A 233 -2.61 -7.62 0.36
C ARG A 233 -2.52 -6.44 1.31
N GLY A 234 -1.76 -6.59 2.39
CA GLY A 234 -1.63 -5.49 3.33
C GLY A 234 -0.98 -5.97 4.61
N GLY A 235 -0.72 -5.05 5.54
CA GLY A 235 -0.09 -5.44 6.80
C GLY A 235 -0.91 -5.10 8.02
N ILE A 236 -0.57 -5.73 9.16
CA ILE A 236 -1.19 -5.40 10.44
C ILE A 236 -0.14 -5.50 11.54
N ILE A 237 -0.31 -4.74 12.62
CA ILE A 237 0.54 -4.83 13.80
C ILE A 237 -0.32 -5.01 15.06
N THR A 239 -0.26 -5.85 19.54
CA THR A 239 0.49 -5.87 20.80
C THR A 239 -0.48 -5.89 21.98
N ASN A 240 0.00 -6.32 23.15
CA ASN A 240 -0.79 -6.26 24.36
C ASN A 240 -0.39 -5.09 25.25
N ASP A 241 0.66 -4.38 24.85
CA ASP A 241 1.22 -3.32 25.69
C ASP A 241 0.72 -1.97 25.21
N GLU A 242 0.03 -1.23 26.07
CA GLU A 242 -0.57 0.04 25.68
C GLU A 242 0.48 1.09 25.31
N GLU A 243 1.62 1.06 26.01
CA GLU A 243 2.69 2.01 25.72
C GLU A 243 3.28 1.73 24.32
N LEU A 244 3.49 0.47 24.00
CA LEU A 244 3.97 0.12 22.67
C LEU A 244 2.94 0.45 21.60
N ALA A 245 1.65 0.24 21.90
CA ALA A 245 0.59 0.51 20.93
C ALA A 245 0.63 1.97 20.53
N LYS A 246 0.84 2.85 21.50
CA LYS A 246 0.92 4.27 21.19
C LYS A 246 2.11 4.58 20.29
N LYS A 247 3.26 3.99 20.60
CA LYS A 247 4.46 4.18 19.78
C LYS A 247 4.25 3.64 18.38
N ILE A 248 3.60 2.48 18.29
CA ILE A 248 3.27 1.87 17.00
C ILE A 248 2.36 2.78 16.16
N ASN A 249 1.31 3.32 16.79
CA ASN A 249 0.40 4.16 16.01
C ASN A 249 1.08 5.41 15.48
N SER A 250 1.94 6.01 16.31
CA SER A 250 2.68 7.19 15.90
C SER A 250 3.69 6.90 14.79
N ALA A 251 4.33 5.75 14.89
CA ALA A 251 5.30 5.32 13.89
C ALA A 251 4.63 5.14 12.53
N ILE A 252 3.50 4.44 12.53
CA ILE A 252 2.76 4.23 11.29
C ILE A 252 2.26 5.55 10.70
N PHE A 253 1.65 6.38 11.54
CA PHE A 253 1.25 7.70 11.09
C PHE A 253 1.51 8.72 12.19
N PRO A 254 2.26 9.79 11.88
CA PRO A 254 2.73 10.15 10.54
C PRO A 254 4.15 9.68 10.19
N GLY A 255 4.71 8.75 10.97
CA GLY A 255 6.08 8.34 10.74
C GLY A 255 6.38 7.73 9.37
N ILE A 256 5.60 6.72 8.99
CA ILE A 256 5.91 5.85 7.85
C ILE A 256 4.92 6.04 6.72
N GLN A 257 3.70 6.45 7.06
CA GLN A 257 2.63 6.54 6.08
C GLN A 257 1.85 7.85 6.22
N GLY A 258 1.01 8.12 5.22
CA GLY A 258 0.05 9.20 5.31
C GLY A 258 -1.32 8.60 5.51
N GLY A 259 -2.22 8.83 4.56
CA GLY A 259 -3.56 8.29 4.65
C GLY A 259 -3.56 6.80 4.37
N PRO A 260 -4.39 6.05 5.09
CA PRO A 260 -4.46 4.60 4.87
C PRO A 260 -5.28 4.29 3.63
N LEU A 261 -5.21 3.06 3.14
CA LEU A 261 -6.03 2.64 2.01
C LEU A 261 -7.38 2.14 2.55
N HIS A 263 -10.23 1.39 1.31
CA HIS A 263 -10.86 0.26 0.62
C HIS A 263 -10.20 -1.05 1.03
N VAL A 264 -8.89 -1.00 1.28
CA VAL A 264 -8.19 -2.19 1.75
C VAL A 264 -8.51 -2.52 3.20
N ILE A 265 -8.64 -1.49 4.03
CA ILE A 265 -9.00 -1.72 5.42
C ILE A 265 -10.39 -2.36 5.54
N ALA A 266 -11.33 -1.90 4.72
CA ALA A 266 -12.65 -2.55 4.70
C ALA A 266 -12.51 -4.01 4.26
N ALA A 267 -11.63 -4.25 3.29
CA ALA A 267 -11.38 -5.59 2.79
C ALA A 267 -10.73 -6.45 3.87
N LYS A 268 -9.84 -5.87 4.68
CA LYS A 268 -9.24 -6.62 5.78
C LYS A 268 -10.33 -7.04 6.77
N ALA A 269 -11.27 -6.12 7.03
CA ALA A 269 -12.37 -6.43 7.95
C ALA A 269 -13.17 -7.63 7.47
N VAL A 270 -13.50 -7.63 6.18
CA VAL A 270 -14.27 -8.73 5.61
C VAL A 270 -13.49 -10.03 5.75
N GLY A 271 -12.20 -9.99 5.41
CA GLY A 271 -11.34 -11.14 5.57
C GLY A 271 -11.32 -11.66 7.00
N PHE A 272 -11.13 -10.76 7.96
CA PHE A 272 -11.14 -11.17 9.38
C PHE A 272 -12.45 -11.87 9.76
N LYS A 273 -13.57 -11.39 9.22
CA LYS A 273 -14.85 -12.03 9.54
C LYS A 273 -14.80 -13.49 9.14
N PHE A 274 -14.26 -13.76 7.96
CA PHE A 274 -14.10 -15.14 7.52
C PHE A 274 -13.13 -15.91 8.43
N ASN A 275 -12.01 -15.29 8.79
CA ASN A 275 -11.03 -15.93 9.66
C ASN A 275 -11.64 -16.32 11.01
N LEU A 276 -12.66 -15.57 11.43
CA LEU A 276 -13.30 -15.81 12.74
C LEU A 276 -14.35 -16.90 12.68
N SER A 277 -14.70 -17.34 11.49
CA SER A 277 -15.80 -18.28 11.31
C SER A 277 -15.36 -19.71 11.60
N ASP A 278 -16.32 -20.61 11.76
CA ASP A 278 -16.00 -22.01 12.02
C ASP A 278 -15.31 -22.64 10.82
N GLU A 279 -15.68 -22.21 9.63
CA GLU A 279 -15.10 -22.72 8.39
C GLU A 279 -13.58 -22.48 8.36
N TRP A 280 -13.11 -21.44 9.03
CA TRP A 280 -11.67 -21.14 8.98
C TRP A 280 -10.83 -22.25 9.59
N LYS A 281 -11.26 -22.74 10.75
CA LYS A 281 -10.51 -23.80 11.44
C LYS A 281 -10.45 -25.05 10.58
N VAL A 282 -11.55 -25.34 9.88
CA VAL A 282 -11.59 -26.47 8.96
C VAL A 282 -10.56 -26.27 7.85
N TYR A 283 -10.52 -25.06 7.29
CA TYR A 283 -9.54 -24.72 6.26
C TYR A 283 -8.11 -24.90 6.79
N ALA A 284 -7.81 -24.30 7.94
CA ALA A 284 -6.45 -24.36 8.47
C ALA A 284 -6.01 -25.79 8.75
N LYS A 285 -6.91 -26.62 9.27
CA LYS A 285 -6.55 -28.01 9.52
C LYS A 285 -6.25 -28.74 8.21
N GLN A 286 -7.04 -28.45 7.18
CA GLN A 286 -6.83 -29.10 5.89
C GLN A 286 -5.51 -28.65 5.26
N VAL A 287 -5.12 -27.40 5.51
CA VAL A 287 -3.83 -26.92 5.04
C VAL A 287 -2.72 -27.81 5.61
N ARG A 288 -2.76 -28.05 6.92
CA ARG A 288 -1.72 -28.85 7.55
C ARG A 288 -1.79 -30.32 7.10
N THR A 289 -2.99 -30.86 7.03
CA THR A 289 -3.15 -32.24 6.56
C THR A 289 -2.60 -32.42 5.15
N ASN A 290 -2.94 -31.48 4.26
CA ASN A 290 -2.48 -31.52 2.89
C ASN A 290 -0.95 -31.45 2.81
N ALA A 291 -0.34 -30.64 3.67
CA ALA A 291 1.11 -30.54 3.72
C ALA A 291 1.74 -31.84 4.25
N GLN A 292 1.06 -32.51 5.18
CA GLN A 292 1.54 -33.81 5.61
C GLN A 292 1.53 -34.82 4.46
N VAL A 293 0.48 -34.78 3.65
CA VAL A 293 0.39 -35.69 2.50
C VAL A 293 1.54 -35.42 1.53
N LEU A 294 1.75 -34.15 1.22
CA LEU A 294 2.83 -33.77 0.31
C LEU A 294 4.18 -34.26 0.85
N ALA A 295 4.44 -33.98 2.11
CA ALA A 295 5.68 -34.41 2.74
C ALA A 295 5.87 -35.93 2.69
N ASN A 296 4.83 -36.67 3.06
CA ASN A 296 4.94 -38.11 3.17
C ASN A 296 5.16 -38.76 1.83
N VAL A 297 4.44 -38.25 0.83
CA VAL A 297 4.59 -38.79 -0.53
C VAL A 297 6.00 -38.54 -1.05
N LEU A 298 6.50 -37.31 -0.89
CA LEU A 298 7.83 -37.01 -1.40
C LEU A 298 8.90 -37.88 -0.73
N ASP A 300 8.41 -40.86 0.74
CA ASP A 300 8.20 -42.22 0.23
C ASP A 300 8.85 -42.39 -1.13
N ARG A 301 8.83 -41.33 -1.94
CA ARG A 301 9.45 -41.36 -3.26
C ARG A 301 10.96 -41.06 -3.17
N LYS A 302 11.48 -41.08 -1.94
CA LYS A 302 12.92 -41.03 -1.71
CA LYS A 302 12.92 -41.03 -1.68
C LYS A 302 13.55 -39.65 -1.87
N PHE A 303 12.75 -38.60 -1.76
CA PHE A 303 13.35 -37.25 -1.77
C PHE A 303 13.64 -36.81 -0.35
N LYS A 304 14.66 -35.98 -0.20
CA LYS A 304 15.01 -35.48 1.12
C LYS A 304 14.25 -34.18 1.39
N LEU A 305 13.69 -34.06 2.59
CA LEU A 305 13.06 -32.81 3.04
C LEU A 305 13.87 -32.22 4.19
N VAL A 306 14.05 -30.90 4.18
CA VAL A 306 14.71 -30.23 5.31
C VAL A 306 13.91 -30.47 6.60
N SER A 307 14.59 -30.98 7.63
CA SER A 307 13.98 -31.41 8.89
C SER A 307 13.11 -32.68 8.75
N ASP A 308 13.18 -33.32 7.58
CA ASP A 308 12.47 -34.59 7.35
C ASP A 308 10.96 -34.53 7.57
N GLY A 309 10.35 -33.41 7.22
CA GLY A 309 8.91 -33.30 7.35
C GLY A 309 8.51 -31.87 7.61
N THR A 310 7.31 -31.68 8.12
CA THR A 310 6.84 -30.34 8.44
C THR A 310 5.82 -30.35 9.57
N ASP A 311 5.71 -29.21 10.25
CA ASP A 311 4.67 -28.96 11.24
C ASP A 311 3.62 -28.00 10.68
N ASN A 312 3.87 -27.41 9.51
CA ASN A 312 2.99 -26.35 9.05
C ASN A 312 2.49 -26.51 7.62
N HIS A 313 2.52 -25.41 6.86
CA HIS A 313 1.88 -25.36 5.54
C HIS A 313 2.87 -25.63 4.43
N LEU A 314 4.14 -25.77 4.75
CA LEU A 314 5.15 -25.86 3.70
C LEU A 314 6.10 -27.05 3.85
N VAL A 315 6.74 -27.41 2.75
CA VAL A 315 7.84 -28.36 2.81
C VAL A 315 8.99 -27.76 2.03
N LEU A 316 10.21 -28.07 2.47
CA LEU A 316 11.40 -27.58 1.80
C LEU A 316 12.22 -28.78 1.35
N SER A 318 15.38 -30.72 -0.33
CA SER A 318 16.82 -30.51 -0.43
C SER A 318 17.42 -31.40 -1.52
N PHE A 319 18.21 -30.80 -2.41
CA PHE A 319 18.80 -31.54 -3.53
C PHE A 319 20.33 -31.62 -3.42
N LEU A 320 20.85 -31.56 -2.21
CA LEU A 320 22.30 -31.66 -2.01
C LEU A 320 22.79 -33.01 -2.53
N ASP A 321 21.91 -34.00 -2.49
CA ASP A 321 22.22 -35.35 -2.95
C ASP A 321 21.79 -35.57 -4.41
N ARG A 322 21.76 -34.49 -5.20
CA ARG A 322 21.27 -34.58 -6.57
C ARG A 322 22.15 -33.82 -7.56
N GLU A 323 21.98 -34.14 -8.84
CA GLU A 323 22.74 -33.49 -9.91
C GLU A 323 22.09 -32.19 -10.40
N PHE A 324 20.80 -32.03 -10.13
CA PHE A 324 20.09 -30.83 -10.54
C PHE A 324 19.96 -29.85 -9.38
N SER A 325 19.73 -28.58 -9.71
CA SER A 325 19.63 -27.54 -8.71
C SER A 325 18.18 -27.24 -8.37
N GLY A 326 17.98 -26.38 -7.37
CA GLY A 326 16.65 -25.89 -7.07
C GLY A 326 16.09 -25.14 -8.28
N LYS A 327 16.94 -24.36 -8.93
CA LYS A 327 16.53 -23.65 -10.14
C LYS A 327 16.05 -24.62 -11.23
N ASP A 328 16.81 -25.70 -11.45
CA ASP A 328 16.40 -26.71 -12.43
C ASP A 328 15.03 -27.29 -12.06
N ALA A 329 14.86 -27.61 -10.78
CA ALA A 329 13.60 -28.19 -10.32
C ALA A 329 12.44 -27.22 -10.50
N ASP A 330 12.67 -25.97 -10.11
CA ASP A 330 11.65 -24.93 -10.22
C ASP A 330 11.19 -24.77 -11.67
N LEU A 331 12.15 -24.74 -12.60
CA LEU A 331 11.84 -24.61 -14.00
C LEU A 331 11.14 -25.85 -14.55
N ALA A 332 11.54 -27.04 -14.09
CA ALA A 332 10.90 -28.26 -14.54
C ALA A 332 9.43 -28.34 -14.11
N LEU A 333 9.17 -28.00 -12.85
CA LEU A 333 7.79 -27.97 -12.35
C LEU A 333 6.96 -26.90 -13.08
N GLY A 334 7.57 -25.73 -13.30
CA GLY A 334 6.91 -24.65 -13.99
C GLY A 334 6.45 -25.07 -15.38
N ASN A 335 7.29 -25.82 -16.07
CA ASN A 335 6.94 -26.31 -17.40
C ASN A 335 5.77 -27.29 -17.37
N ALA A 336 5.60 -27.96 -16.23
CA ALA A 336 4.50 -28.92 -16.05
C ALA A 336 3.27 -28.25 -15.44
N GLY A 337 3.31 -26.93 -15.33
CA GLY A 337 2.17 -26.15 -14.88
C GLY A 337 2.08 -25.93 -13.38
N ILE A 338 3.13 -26.29 -12.65
CA ILE A 338 3.15 -26.11 -11.19
C ILE A 338 4.06 -24.96 -10.80
N THR A 339 3.51 -23.98 -10.07
CA THR A 339 4.33 -22.87 -9.61
C THR A 339 4.89 -23.16 -8.23
N ALA A 340 6.20 -23.01 -8.10
CA ALA A 340 6.86 -23.19 -6.82
C ALA A 340 7.99 -22.18 -6.81
N ASN A 341 8.93 -22.32 -5.89
CA ASN A 341 10.15 -21.51 -6.00
C ASN A 341 11.39 -22.18 -5.46
N LYS A 342 12.52 -21.93 -6.11
CA LYS A 342 13.80 -22.44 -5.64
C LYS A 342 14.09 -21.78 -4.30
N ASN A 343 14.86 -22.46 -3.47
CA ASN A 343 15.12 -21.95 -2.13
C ASN A 343 16.42 -22.56 -1.64
N THR A 344 17.23 -21.78 -0.93
CA THR A 344 18.45 -22.34 -0.37
C THR A 344 18.11 -23.27 0.79
N VAL A 345 19.07 -24.11 1.16
CA VAL A 345 18.87 -25.08 2.22
C VAL A 345 20.09 -25.12 3.13
N PRO A 346 19.93 -25.67 4.35
CA PRO A 346 21.11 -25.85 5.21
C PRO A 346 22.16 -26.69 4.49
N GLY A 347 23.43 -26.29 4.59
CA GLY A 347 24.51 -27.01 3.91
C GLY A 347 24.63 -26.59 2.45
N GLU A 348 23.97 -25.50 2.09
CA GLU A 348 23.93 -25.02 0.70
C GLU A 348 25.33 -24.96 0.09
N ILE A 349 25.47 -25.48 -1.14
CA ILE A 349 26.77 -25.51 -1.81
C ILE A 349 26.77 -24.71 -3.12
N ARG A 350 25.60 -24.22 -3.52
CA ARG A 350 25.45 -23.48 -4.76
C ARG A 350 25.19 -22.00 -4.51
N SER A 351 25.36 -21.18 -5.53
CA SER A 351 24.97 -19.78 -5.46
C SER A 351 23.54 -19.67 -4.92
N PRO A 352 23.28 -18.65 -4.12
CA PRO A 352 21.92 -18.44 -3.64
C PRO A 352 20.97 -18.01 -4.76
N PHE A 353 21.51 -17.70 -5.94
CA PHE A 353 20.65 -17.40 -7.07
C PHE A 353 20.35 -18.65 -7.89
N ILE A 354 20.88 -19.79 -7.43
CA ILE A 354 20.68 -21.06 -8.12
C ILE A 354 20.02 -22.02 -7.12
N THR A 355 20.67 -22.15 -5.96
CA THR A 355 20.15 -22.92 -4.80
C THR A 355 20.11 -24.43 -4.99
N SER A 356 20.02 -25.13 -3.88
CA SER A 356 19.91 -26.59 -3.87
C SER A 356 18.60 -27.07 -3.25
N GLY A 357 17.55 -26.26 -3.34
CA GLY A 357 16.28 -26.66 -2.75
C GLY A 357 15.05 -26.10 -3.45
N LEU A 358 13.90 -26.50 -2.96
CA LEU A 358 12.63 -26.11 -3.53
C LEU A 358 11.60 -25.97 -2.43
N ARG A 359 10.97 -24.81 -2.33
CA ARG A 359 9.91 -24.63 -1.34
C ARG A 359 8.55 -24.89 -1.98
N LEU A 360 7.70 -25.65 -1.28
CA LEU A 360 6.34 -25.93 -1.76
C LEU A 360 5.37 -25.69 -0.63
N GLY A 361 4.18 -25.20 -0.93
CA GLY A 361 3.17 -25.00 0.10
C GLY A 361 1.77 -25.40 -0.34
N THR A 362 0.89 -25.62 0.64
CA THR A 362 -0.46 -26.07 0.37
C THR A 362 -1.61 -25.05 0.53
N PRO A 363 -1.36 -23.84 1.05
CA PRO A 363 -2.53 -22.97 1.26
C PRO A 363 -3.41 -22.71 0.03
N ALA A 364 -2.81 -22.44 -1.12
CA ALA A 364 -3.60 -22.10 -2.31
C ALA A 364 -4.38 -23.29 -2.84
N LEU A 365 -3.73 -24.45 -2.95
CA LEU A 365 -4.45 -25.64 -3.40
C LEU A 365 -5.58 -26.00 -2.42
N THR A 366 -5.33 -25.85 -1.13
CA THR A 366 -6.37 -26.12 -0.14
C THR A 366 -7.56 -25.19 -0.32
N ALA A 367 -7.27 -23.93 -0.62
CA ALA A 367 -8.29 -22.91 -0.82
C ALA A 367 -9.21 -23.29 -1.99
N ARG A 368 -8.64 -23.92 -3.02
CA ARG A 368 -9.49 -24.28 -4.15
C ARG A 368 -10.14 -25.64 -4.01
N GLY A 369 -9.91 -26.29 -2.87
CA GLY A 369 -10.67 -27.48 -2.52
C GLY A 369 -9.93 -28.79 -2.52
N PHE A 370 -8.63 -28.77 -2.81
CA PHE A 370 -7.86 -30.01 -2.81
C PHE A 370 -7.88 -30.62 -1.41
N LYS A 371 -8.05 -31.93 -1.35
CA LYS A 371 -7.88 -32.65 -0.10
C LYS A 371 -6.81 -33.74 -0.32
N GLU A 372 -6.77 -34.71 0.57
CA GLU A 372 -5.70 -35.68 0.58
C GLU A 372 -5.51 -36.38 -0.77
N LYS A 373 -6.62 -36.77 -1.38
CA LYS A 373 -6.56 -37.55 -2.62
C LYS A 373 -5.89 -36.74 -3.72
N GLU A 374 -6.27 -35.47 -3.84
CA GLU A 374 -5.67 -34.63 -4.87
C GLU A 374 -4.22 -34.31 -4.55
N GLU A 376 -2.14 -36.27 -3.11
CA GLU A 376 -1.35 -37.44 -3.42
C GLU A 376 -1.07 -37.53 -4.92
N ILE A 377 -2.05 -37.15 -5.73
CA ILE A 377 -1.84 -37.09 -7.16
C ILE A 377 -0.75 -36.10 -7.54
N VAL A 378 -0.88 -34.86 -7.06
CA VAL A 378 0.09 -33.83 -7.41
C VAL A 378 1.49 -34.14 -6.88
N SER A 379 1.58 -34.65 -5.65
CA SER A 379 2.87 -34.97 -5.05
C SER A 379 3.61 -36.04 -5.83
N ASN A 380 2.89 -37.06 -6.31
CA ASN A 380 3.52 -38.09 -7.13
C ASN A 380 3.96 -37.58 -8.51
N TYR A 381 3.18 -36.66 -9.07
CA TYR A 381 3.60 -35.98 -10.31
C TYR A 381 4.88 -35.18 -10.08
N ILE A 382 4.96 -34.47 -8.96
CA ILE A 382 6.17 -33.73 -8.63
C ILE A 382 7.37 -34.69 -8.56
N ALA A 383 7.20 -35.80 -7.83
CA ALA A 383 8.23 -36.83 -7.77
C ALA A 383 8.60 -37.37 -9.16
N ASP A 384 7.60 -37.57 -10.02
CA ASP A 384 7.85 -38.08 -11.36
C ASP A 384 8.78 -37.13 -12.10
N ILE A 385 8.45 -35.84 -12.05
CA ILE A 385 9.22 -34.85 -12.77
C ILE A 385 10.66 -34.81 -12.27
N LEU A 386 10.83 -34.74 -10.95
CA LEU A 386 12.17 -34.61 -10.37
C LEU A 386 13.01 -35.88 -10.50
N ASP A 387 12.36 -37.01 -10.72
CA ASP A 387 13.05 -38.26 -11.03
C ASP A 387 13.61 -38.28 -12.46
N ASP A 388 13.12 -37.39 -13.31
CA ASP A 388 13.54 -37.31 -14.71
C ASP A 388 13.48 -35.85 -15.13
N VAL A 389 14.30 -35.02 -14.49
CA VAL A 389 14.16 -33.56 -14.56
C VAL A 389 14.29 -32.98 -15.97
N ASN A 390 15.05 -33.64 -16.84
CA ASN A 390 15.21 -33.15 -18.21
C ASN A 390 14.19 -33.69 -19.20
N ASN A 391 13.28 -34.54 -18.72
CA ASN A 391 12.26 -35.12 -19.60
C ASN A 391 11.16 -34.11 -19.91
N GLU A 392 11.33 -33.40 -21.02
CA GLU A 392 10.44 -32.30 -21.36
C GLU A 392 9.05 -32.77 -21.76
N LYS A 393 8.96 -33.95 -22.37
CA LYS A 393 7.68 -34.52 -22.78
CA LYS A 393 7.68 -34.52 -22.77
C LYS A 393 6.85 -34.94 -21.57
N LEU A 394 7.52 -35.55 -20.58
CA LEU A 394 6.83 -35.93 -19.35
C LEU A 394 6.17 -34.69 -18.76
N GLN A 395 6.91 -33.58 -18.73
CA GLN A 395 6.38 -32.33 -18.17
C GLN A 395 5.15 -31.91 -18.96
N GLU A 396 5.23 -32.03 -20.28
CA GLU A 396 4.10 -31.66 -21.14
C GLU A 396 2.90 -32.55 -20.88
N ASN A 397 3.12 -33.85 -20.73
CA ASN A 397 2.03 -34.77 -20.41
C ASN A 397 1.39 -34.48 -19.05
N ILE A 398 2.22 -34.27 -18.04
CA ILE A 398 1.72 -34.00 -16.70
C ILE A 398 0.95 -32.69 -16.68
N LYS A 399 1.44 -31.70 -17.43
CA LYS A 399 0.76 -30.43 -17.53
C LYS A 399 -0.68 -30.66 -18.00
N GLN A 400 -0.82 -31.52 -18.99
CA GLN A 400 -2.14 -31.85 -19.52
C GLN A 400 -3.01 -32.48 -18.45
N GLU A 401 -2.46 -33.45 -17.72
CA GLU A 401 -3.20 -34.12 -16.65
C GLU A 401 -3.60 -33.16 -15.53
N LEU A 402 -2.72 -32.22 -15.18
CA LEU A 402 -2.98 -31.31 -14.08
C LEU A 402 -4.03 -30.27 -14.43
N LYS A 403 -4.03 -29.80 -15.68
CA LYS A 403 -5.06 -28.89 -16.15
C LYS A 403 -6.44 -29.55 -16.01
N LYS A 404 -6.51 -30.83 -16.33
CA LYS A 404 -7.77 -31.56 -16.17
C LYS A 404 -8.18 -31.63 -14.70
N LEU A 405 -7.23 -31.96 -13.84
CA LEU A 405 -7.49 -31.99 -12.41
C LEU A 405 -7.96 -30.62 -11.92
N ALA A 406 -7.24 -29.58 -12.33
CA ALA A 406 -7.56 -28.21 -11.93
C ALA A 406 -8.97 -27.78 -12.36
N SER A 407 -9.41 -28.23 -13.52
CA SER A 407 -10.72 -27.84 -14.04
C SER A 407 -11.86 -28.26 -13.11
N ASN A 408 -11.58 -29.16 -12.18
CA ASN A 408 -12.63 -29.64 -11.27
C ASN A 408 -12.66 -28.88 -9.95
N PHE A 409 -11.77 -27.89 -9.83
CA PHE A 409 -11.59 -27.15 -8.59
C PHE A 409 -11.52 -25.66 -8.86
N ILE A 410 -12.61 -25.11 -9.36
CA ILE A 410 -12.62 -23.71 -9.79
C ILE A 410 -13.32 -22.88 -8.73
N ILE A 411 -12.65 -21.88 -8.17
CA ILE A 411 -13.31 -21.03 -7.17
C ILE A 411 -13.72 -19.66 -7.68
N TYR A 412 -13.19 -19.25 -8.84
CA TYR A 412 -13.63 -17.98 -9.41
C TYR A 412 -14.35 -18.16 -10.74
N GLU A 413 -15.55 -17.62 -10.85
CA GLU A 413 -16.30 -17.66 -12.09
CA GLU A 413 -16.32 -17.64 -12.08
C GLU A 413 -15.99 -16.44 -12.95
N ARG A 414 -15.25 -15.48 -12.38
CA ARG A 414 -14.91 -14.26 -13.11
C ARG A 414 -13.66 -13.63 -12.51
N ALA A 415 -13.08 -12.66 -13.23
CA ALA A 415 -11.81 -12.06 -12.81
C ALA A 415 -12.02 -10.85 -11.92
N PHE A 417 -14.63 -8.52 -9.35
CA PHE A 417 -15.76 -8.59 -8.42
C PHE A 417 -16.23 -7.21 -7.97
N SER B 1 -28.69 -7.34 -8.27
CA SER B 1 -28.28 -7.41 -6.88
C SER B 1 -26.74 -7.37 -6.77
N ASN B 2 -26.16 -6.21 -7.09
CA ASN B 2 -24.72 -6.05 -7.07
C ASN B 2 -24.10 -6.30 -5.68
N ALA B 3 -22.98 -7.01 -5.67
CA ALA B 3 -22.28 -7.35 -4.43
C ALA B 3 -23.23 -7.97 -3.41
N SER B 5 -23.28 -11.07 -2.51
CA SER B 5 -22.52 -11.97 -1.66
C SER B 5 -21.95 -11.21 -0.47
N LEU B 6 -21.45 -10.01 -0.70
CA LEU B 6 -20.92 -9.22 0.40
C LEU B 6 -22.04 -8.83 1.36
N GLU B 7 -23.17 -8.41 0.82
CA GLU B 7 -24.32 -8.03 1.63
C GLU B 7 -24.77 -9.18 2.54
N PHE B 9 -22.85 -11.82 3.37
CA PHE B 9 -21.74 -12.27 4.20
C PHE B 9 -21.33 -11.30 5.31
N ASP B 10 -21.26 -10.01 4.98
CA ASP B 10 -20.79 -9.02 5.94
C ASP B 10 -21.64 -7.77 5.80
N LYS B 11 -22.88 -7.83 6.25
CA LYS B 11 -23.82 -6.74 5.99
C LYS B 11 -23.37 -5.44 6.64
N GLU B 12 -22.66 -5.52 7.77
CA GLU B 12 -22.18 -4.29 8.41
C GLU B 12 -21.23 -3.49 7.49
N ILE B 13 -20.21 -4.17 6.96
CA ILE B 13 -19.30 -3.53 6.02
C ILE B 13 -20.04 -3.02 4.77
N PHE B 14 -20.93 -3.84 4.23
CA PHE B 14 -21.71 -3.48 3.06
C PHE B 14 -22.52 -2.19 3.32
N ASP B 15 -23.20 -2.13 4.46
CA ASP B 15 -24.00 -0.96 4.81
C ASP B 15 -23.16 0.29 5.01
N LEU B 16 -22.02 0.15 5.69
CA LEU B 16 -21.13 1.27 5.93
C LEU B 16 -20.57 1.83 4.62
N THR B 17 -20.27 0.94 3.69
CA THR B 17 -19.77 1.35 2.39
C THR B 17 -20.84 2.14 1.62
N ASN B 18 -22.09 1.67 1.64
CA ASN B 18 -23.17 2.42 1.00
C ASN B 18 -23.46 3.77 1.66
N LYS B 19 -23.32 3.84 2.98
CA LYS B 19 -23.46 5.11 3.69
C LYS B 19 -22.39 6.11 3.27
N GLU B 20 -21.19 5.60 3.03
CA GLU B 20 -20.10 6.46 2.58
C GLU B 20 -20.36 6.95 1.16
N LEU B 21 -20.94 6.10 0.32
CA LEU B 21 -21.35 6.55 -1.00
C LEU B 21 -22.42 7.65 -0.90
N GLU B 22 -23.41 7.41 -0.04
CA GLU B 22 -24.48 8.39 0.16
C GLU B 22 -23.90 9.72 0.61
N ARG B 23 -22.94 9.68 1.54
CA ARG B 23 -22.25 10.87 1.99
C ARG B 23 -21.50 11.58 0.85
N GLN B 24 -20.78 10.82 0.01
CA GLN B 24 -20.10 11.42 -1.14
C GLN B 24 -21.07 12.03 -2.16
N CYS B 25 -22.27 11.46 -2.29
CA CYS B 25 -23.23 11.97 -3.28
C CYS B 25 -23.97 13.18 -2.75
N GLU B 26 -24.32 13.15 -1.47
CA GLU B 26 -25.20 14.16 -0.90
C GLU B 26 -24.48 15.44 -0.49
N GLY B 27 -23.21 15.32 -0.14
CA GLY B 27 -22.43 16.47 0.29
C GLY B 27 -21.56 17.04 -0.81
N LEU B 28 -20.95 18.19 -0.53
CA LEU B 28 -20.01 18.81 -1.44
C LEU B 28 -18.60 18.63 -0.91
N GLU B 29 -17.81 17.85 -1.64
CA GLU B 29 -16.45 17.50 -1.24
C GLU B 29 -15.52 18.61 -1.69
N ILE B 31 -12.43 19.25 0.06
CA ILE B 31 -11.09 18.99 0.53
C ILE B 31 -10.17 19.00 -0.70
N ALA B 32 -9.20 19.90 -0.72
CA ALA B 32 -8.44 20.15 -1.95
C ALA B 32 -7.73 18.92 -2.50
N SER B 33 -7.38 17.99 -1.60
CA SER B 33 -6.58 16.82 -1.95
C SER B 33 -7.40 15.57 -2.23
N GLU B 34 -8.71 15.72 -2.34
CA GLU B 34 -9.54 14.56 -2.65
C GLU B 34 -10.10 14.62 -4.05
N ASN B 35 -10.52 13.46 -4.54
CA ASN B 35 -11.07 13.41 -5.88
C ASN B 35 -11.97 12.20 -6.01
N PHE B 36 -12.60 12.03 -7.17
CA PHE B 36 -13.45 10.88 -7.41
C PHE B 36 -12.84 9.98 -8.49
N THR B 37 -12.44 8.77 -8.08
CA THR B 37 -11.84 7.74 -8.93
C THR B 37 -12.80 7.36 -10.05
N LEU B 38 -12.28 6.95 -11.20
CA LEU B 38 -13.13 6.42 -12.26
C LEU B 38 -13.71 5.04 -11.92
N PRO B 39 -14.97 4.79 -12.30
CA PRO B 39 -15.52 3.44 -12.13
C PRO B 39 -14.61 2.38 -12.74
N GLU B 40 -14.02 2.66 -13.91
CA GLU B 40 -13.18 1.67 -14.57
C GLU B 40 -11.93 1.34 -13.77
N VAL B 41 -11.41 2.35 -13.06
CA VAL B 41 -10.27 2.12 -12.17
C VAL B 41 -10.69 1.20 -11.02
N GLU B 43 -13.11 -0.93 -10.99
CA GLU B 43 -13.47 -2.27 -11.41
C GLU B 43 -12.24 -3.15 -11.40
N VAL B 44 -11.11 -2.65 -11.86
CA VAL B 44 -9.95 -3.53 -11.93
C VAL B 44 -9.30 -3.71 -10.57
N GLY B 46 -10.89 -4.46 -7.81
CA GLY B 46 -11.52 -5.59 -7.12
C GLY B 46 -11.34 -6.87 -7.91
N SER B 47 -10.09 -7.19 -8.25
CA SER B 47 -9.84 -8.28 -9.18
C SER B 47 -8.92 -9.34 -8.62
N ILE B 48 -8.84 -10.45 -9.34
CA ILE B 48 -7.92 -11.52 -8.95
C ILE B 48 -6.43 -11.16 -9.06
N LEU B 49 -6.10 -9.94 -9.52
CA LEU B 49 -4.71 -9.51 -9.51
C LEU B 49 -4.16 -9.42 -8.08
N THR B 50 -5.05 -9.31 -7.10
CA THR B 50 -4.60 -9.32 -5.71
CA THR B 50 -4.67 -9.37 -5.69
C THR B 50 -3.91 -10.64 -5.30
N ASN B 51 -4.15 -11.72 -6.04
CA ASN B 51 -3.54 -13.01 -5.69
C ASN B 51 -2.10 -13.17 -6.16
N LYS B 52 -1.64 -12.27 -7.02
CA LYS B 52 -0.32 -12.48 -7.63
C LYS B 52 0.78 -11.83 -6.80
N TYR B 53 1.79 -12.63 -6.44
CA TYR B 53 2.95 -12.09 -5.73
C TYR B 53 4.07 -11.87 -6.77
N ALA B 54 4.34 -10.62 -7.07
CA ALA B 54 5.26 -10.32 -8.16
C ALA B 54 6.47 -9.47 -7.74
N GLU B 55 7.22 -9.93 -6.74
CA GLU B 55 8.44 -9.23 -6.34
C GLU B 55 9.43 -9.10 -7.50
N GLY B 56 10.07 -7.94 -7.58
CA GLY B 56 10.99 -7.65 -8.68
C GLY B 56 10.33 -6.75 -9.72
N TYR B 57 10.92 -6.68 -10.91
CA TYR B 57 10.38 -5.83 -11.98
C TYR B 57 10.05 -6.68 -13.20
N PRO B 58 9.32 -6.10 -14.18
CA PRO B 58 8.92 -6.90 -15.35
C PRO B 58 10.12 -7.55 -16.06
N GLY B 59 10.00 -8.84 -16.34
CA GLY B 59 11.10 -9.58 -16.95
C GLY B 59 12.21 -9.94 -15.97
N LYS B 60 12.05 -9.52 -14.72
CA LYS B 60 13.08 -9.71 -13.70
C LYS B 60 12.44 -10.01 -12.36
N ARG B 61 11.51 -10.96 -12.35
CA ARG B 61 10.76 -11.29 -11.14
C ARG B 61 11.43 -12.40 -10.37
N TYR B 62 11.15 -12.48 -9.08
CA TYR B 62 11.67 -13.56 -8.25
C TYR B 62 10.94 -14.88 -8.48
N TYR B 63 9.65 -14.81 -8.78
CA TYR B 63 8.85 -16.01 -9.02
C TYR B 63 8.44 -16.13 -10.49
N GLY B 64 8.07 -17.33 -10.90
CA GLY B 64 7.52 -17.57 -12.22
C GLY B 64 6.03 -17.25 -12.30
N GLY B 65 5.47 -17.37 -13.50
CA GLY B 65 4.04 -17.17 -13.71
C GLY B 65 3.65 -15.71 -13.86
N CYS B 66 4.61 -14.85 -14.19
CA CYS B 66 4.36 -13.41 -14.23
C CYS B 66 4.16 -12.85 -15.63
N GLU B 67 3.89 -13.71 -16.61
CA GLU B 67 3.77 -13.27 -17.99
C GLU B 67 2.79 -12.10 -18.13
N PHE B 68 1.62 -12.24 -17.52
CA PHE B 68 0.54 -11.28 -17.72
C PHE B 68 0.68 -10.06 -16.81
N VAL B 69 1.11 -10.26 -15.57
CA VAL B 69 1.31 -9.11 -14.70
C VAL B 69 2.50 -8.25 -15.19
N ASP B 70 3.48 -8.88 -15.82
CA ASP B 70 4.59 -8.12 -16.41
C ASP B 70 4.07 -7.21 -17.52
N GLU B 71 3.16 -7.74 -18.34
CA GLU B 71 2.56 -6.92 -19.39
C GLU B 71 1.73 -5.77 -18.79
N ILE B 72 1.00 -6.06 -17.71
CA ILE B 72 0.21 -5.02 -17.06
C ILE B 72 1.11 -3.94 -16.50
N GLU B 73 2.17 -4.33 -15.78
CA GLU B 73 3.06 -3.33 -15.19
C GLU B 73 3.77 -2.53 -16.27
N THR B 74 4.19 -3.21 -17.33
CA THR B 74 4.85 -2.51 -18.44
C THR B 74 3.94 -1.45 -19.07
N LEU B 75 2.67 -1.79 -19.22
CA LEU B 75 1.69 -0.85 -19.72
CA LEU B 75 1.69 -0.86 -19.72
C LEU B 75 1.58 0.35 -18.79
N ALA B 76 1.52 0.10 -17.47
CA ALA B 76 1.47 1.21 -16.52
C ALA B 76 2.71 2.11 -16.65
N ILE B 77 3.88 1.49 -16.75
CA ILE B 77 5.14 2.24 -16.82
C ILE B 77 5.20 3.05 -18.11
N GLU B 78 4.80 2.43 -19.21
CA GLU B 78 4.89 3.11 -20.52
C GLU B 78 3.92 4.28 -20.61
N ARG B 79 2.71 4.12 -20.06
CA ARG B 79 1.74 5.20 -20.07
C ARG B 79 2.22 6.33 -19.16
N CYS B 80 2.79 5.98 -18.01
CA CYS B 80 3.33 6.98 -17.09
C CYS B 80 4.43 7.80 -17.78
N LYS B 81 5.37 7.11 -18.44
CA LYS B 81 6.43 7.79 -19.19
C LYS B 81 5.87 8.75 -20.24
N LYS B 82 4.84 8.30 -20.96
CA LYS B 82 4.23 9.12 -22.02
C LYS B 82 3.58 10.35 -21.39
N LEU B 83 2.88 10.13 -20.28
CA LEU B 83 2.15 11.17 -19.60
C LEU B 83 3.05 12.30 -19.11
N PHE B 84 4.21 11.95 -18.55
CA PHE B 84 5.13 12.97 -18.01
C PHE B 84 6.24 13.30 -19.02
N ASN B 85 6.19 12.65 -20.18
CA ASN B 85 7.22 12.79 -21.19
C ASN B 85 8.62 12.58 -20.61
N CYS B 86 8.81 11.46 -19.91
CA CYS B 86 10.09 11.18 -19.29
C CYS B 86 10.56 9.77 -19.64
N LYS B 87 11.81 9.47 -19.35
CA LYS B 87 12.43 8.24 -19.83
C LYS B 87 12.27 7.04 -18.89
N PHE B 88 12.02 7.30 -17.62
CA PHE B 88 11.94 6.25 -16.61
C PHE B 88 10.79 6.48 -15.62
N ALA B 89 10.09 5.41 -15.27
CA ALA B 89 9.03 5.52 -14.28
C ALA B 89 9.02 4.28 -13.43
N ASN B 90 8.71 4.46 -12.15
CA ASN B 90 8.48 3.33 -11.27
C ASN B 90 7.06 3.44 -10.72
N VAL B 91 6.24 2.42 -10.97
CA VAL B 91 4.84 2.50 -10.60
C VAL B 91 4.50 1.60 -9.42
N GLN B 92 5.54 1.09 -8.77
CA GLN B 92 5.35 0.22 -7.61
C GLN B 92 5.03 0.85 -6.24
N PRO B 93 5.41 2.13 -6.01
CA PRO B 93 5.23 2.61 -4.64
C PRO B 93 3.80 2.49 -4.10
N ASN B 94 3.66 1.97 -2.88
CA ASN B 94 2.34 1.72 -2.31
C ASN B 94 1.57 3.00 -1.95
N SER B 95 2.28 4.11 -1.91
CA SER B 95 1.70 5.37 -1.47
C SER B 95 2.64 6.51 -1.80
N GLY B 96 2.18 7.75 -1.60
CA GLY B 96 3.06 8.90 -1.77
C GLY B 96 4.22 8.89 -0.77
N SER B 97 3.92 8.47 0.45
CA SER B 97 4.96 8.35 1.46
C SER B 97 6.05 7.36 1.06
N GLN B 98 5.67 6.21 0.53
CA GLN B 98 6.67 5.22 0.12
C GLN B 98 7.43 5.72 -1.11
N ALA B 99 6.74 6.44 -2.00
CA ALA B 99 7.42 7.03 -3.14
C ALA B 99 8.51 7.97 -2.66
N ASN B 100 8.16 8.86 -1.74
CA ASN B 100 9.15 9.82 -1.24
C ASN B 100 10.28 9.12 -0.50
N GLN B 101 9.94 8.15 0.34
CA GLN B 101 10.97 7.37 1.03
C GLN B 101 11.93 6.72 0.06
N GLY B 102 11.40 6.22 -1.06
CA GLY B 102 12.23 5.59 -2.07
C GLY B 102 13.19 6.59 -2.69
N VAL B 103 12.71 7.80 -2.91
CA VAL B 103 13.56 8.81 -3.54
C VAL B 103 14.68 9.21 -2.59
N TYR B 104 14.34 9.42 -1.32
CA TYR B 104 15.36 9.73 -0.30
C TYR B 104 16.43 8.67 -0.24
N ALA B 105 15.99 7.41 -0.15
CA ALA B 105 16.91 6.28 -0.05
C ALA B 105 17.79 6.18 -1.29
N ALA B 106 17.24 6.55 -2.44
CA ALA B 106 17.98 6.50 -3.69
C ALA B 106 19.05 7.58 -3.78
N LEU B 107 18.76 8.76 -3.21
CA LEU B 107 19.57 9.95 -3.48
C LEU B 107 20.54 10.33 -2.37
N ILE B 108 20.17 10.05 -1.12
CA ILE B 108 20.99 10.48 0.00
C ILE B 108 21.16 9.36 1.02
N ASN B 109 21.96 9.61 2.03
CA ASN B 109 22.24 8.61 3.06
C ASN B 109 21.55 8.93 4.37
N PRO B 110 21.29 7.91 5.20
CA PRO B 110 20.66 8.21 6.49
C PRO B 110 21.48 9.27 7.21
N GLY B 111 20.81 10.21 7.87
CA GLY B 111 21.52 11.27 8.57
C GLY B 111 21.73 12.52 7.73
N ASP B 112 21.69 12.38 6.40
CA ASP B 112 21.88 13.54 5.53
C ASP B 112 20.77 14.57 5.74
N LYS B 113 21.05 15.81 5.36
CA LYS B 113 20.08 16.89 5.57
C LYS B 113 19.19 17.13 4.34
N ILE B 114 17.90 17.31 4.58
CA ILE B 114 16.95 17.65 3.52
C ILE B 114 16.36 19.03 3.80
N LEU B 115 16.24 19.86 2.77
CA LEU B 115 15.57 21.15 2.89
C LEU B 115 14.22 21.09 2.19
N GLY B 116 13.15 21.24 2.95
CA GLY B 116 11.80 21.11 2.40
C GLY B 116 10.84 22.19 2.84
N ASP B 118 7.52 23.81 4.59
CA ASP B 118 6.65 23.60 5.73
C ASP B 118 5.52 24.62 5.71
N LEU B 119 4.28 24.12 5.76
CA LEU B 119 3.11 25.01 5.81
C LEU B 119 2.17 24.64 6.96
N LYS B 136 14.98 9.74 14.11
CA LYS B 136 15.00 10.56 12.90
C LYS B 136 15.99 10.03 11.86
N TYR B 138 16.57 11.13 8.66
CA TYR B 138 17.31 12.21 8.02
C TYR B 138 17.19 13.49 8.84
N GLU B 139 18.11 14.43 8.63
CA GLU B 139 18.01 15.74 9.25
CA GLU B 139 18.02 15.74 9.24
C GLU B 139 17.18 16.67 8.36
N SER B 140 16.18 17.33 8.96
CA SER B 140 15.28 18.20 8.21
C SER B 140 15.46 19.68 8.52
N CYS B 141 15.42 20.51 7.49
CA CYS B 141 15.31 21.95 7.67
CA CYS B 141 15.35 21.96 7.63
C CYS B 141 14.24 22.45 6.72
N PHE B 142 13.70 23.63 6.98
CA PHE B 142 12.54 24.06 6.22
C PHE B 142 12.60 25.48 5.69
N TYR B 143 11.86 25.73 4.61
CA TYR B 143 11.56 27.08 4.18
C TYR B 143 10.04 27.17 4.19
N GLY B 144 9.49 28.37 4.16
CA GLY B 144 8.05 28.54 4.19
C GLY B 144 7.60 29.62 3.23
N VAL B 145 6.48 30.25 3.55
CA VAL B 145 5.96 31.35 2.74
C VAL B 145 5.94 32.63 3.57
N GLU B 146 5.94 33.77 2.88
CA GLU B 146 5.90 35.06 3.53
C GLU B 146 4.46 35.48 3.83
N LEU B 147 4.29 36.59 4.52
CA LEU B 147 2.97 37.07 4.90
C LEU B 147 2.04 37.26 3.69
N ASP B 148 2.62 37.52 2.53
CA ASP B 148 1.84 37.66 1.31
C ASP B 148 1.51 36.30 0.66
N GLY B 149 1.81 35.21 1.39
CA GLY B 149 1.44 33.88 0.95
C GLY B 149 2.28 33.28 -0.17
N ARG B 150 3.37 33.93 -0.52
CA ARG B 150 4.25 33.40 -1.55
C ARG B 150 5.63 33.03 -1.02
N ILE B 151 6.27 32.07 -1.69
CA ILE B 151 7.65 31.73 -1.37
C ILE B 151 8.54 32.89 -1.77
N ASP B 152 9.45 33.28 -0.88
CA ASP B 152 10.50 34.23 -1.23
C ASP B 152 11.74 33.43 -1.57
N TYR B 153 12.05 33.34 -2.85
CA TYR B 153 13.09 32.46 -3.34
C TYR B 153 14.50 32.92 -2.94
N GLU B 154 14.63 34.21 -2.62
CA GLU B 154 15.91 34.70 -2.15
C GLU B 154 16.17 34.18 -0.74
N LYS B 155 15.14 34.14 0.08
CA LYS B 155 15.26 33.57 1.41
C LYS B 155 15.58 32.08 1.35
N VAL B 156 14.86 31.34 0.51
CA VAL B 156 15.17 29.93 0.31
C VAL B 156 16.65 29.78 -0.04
N ARG B 157 17.11 30.60 -0.97
CA ARG B 157 18.51 30.58 -1.39
C ARG B 157 19.45 30.82 -0.21
N GLU B 158 19.08 31.75 0.66
CA GLU B 158 19.89 32.05 1.84
C GLU B 158 19.92 30.87 2.81
N ILE B 159 18.75 30.29 3.04
CA ILE B 159 18.63 29.11 3.90
C ILE B 159 19.47 27.96 3.35
N ALA B 160 19.41 27.77 2.03
CA ALA B 160 20.14 26.68 1.39
C ALA B 160 21.65 26.90 1.53
N LYS B 161 22.09 28.13 1.34
CA LYS B 161 23.50 28.44 1.42
C LYS B 161 24.07 28.26 2.83
N LYS B 162 23.25 28.45 3.84
CA LYS B 162 23.71 28.30 5.22
C LYS B 162 23.55 26.88 5.76
N GLU B 163 22.48 26.20 5.37
CA GLU B 163 22.24 24.84 5.85
C GLU B 163 22.98 23.77 5.04
N LYS B 164 23.23 24.05 3.76
CA LYS B 164 23.95 23.13 2.88
C LYS B 164 23.31 21.74 2.81
N PRO B 165 22.01 21.68 2.49
CA PRO B 165 21.37 20.36 2.42
C PRO B 165 21.88 19.55 1.24
N LYS B 166 21.76 18.23 1.32
CA LYS B 166 22.17 17.37 0.22
C LYS B 166 21.03 17.29 -0.80
N LEU B 167 19.83 17.57 -0.33
CA LEU B 167 18.64 17.47 -1.15
C LEU B 167 17.66 18.58 -0.85
N ILE B 168 17.13 19.21 -1.89
CA ILE B 168 16.06 20.19 -1.73
C ILE B 168 14.77 19.59 -2.28
N VAL B 169 13.70 19.70 -1.51
CA VAL B 169 12.41 19.18 -1.95
C VAL B 169 11.47 20.35 -2.15
N CYS B 170 10.66 20.29 -3.20
CA CYS B 170 9.62 21.29 -3.39
C CYS B 170 8.28 20.60 -3.65
N GLY B 171 7.20 21.37 -3.55
CA GLY B 171 5.84 20.82 -3.55
C GLY B 171 5.24 21.04 -2.18
N ALA B 172 3.93 21.32 -2.13
CA ALA B 172 3.25 21.60 -0.86
C ALA B 172 1.76 21.37 -0.98
N SER B 173 1.10 21.08 0.14
CA SER B 173 -0.30 20.70 0.11
C SER B 173 -1.23 21.90 0.07
N ALA B 174 -0.78 23.03 0.63
CA ALA B 174 -1.64 24.19 0.74
C ALA B 174 -1.04 25.44 0.09
N TYR B 175 -0.23 25.25 -0.94
CA TYR B 175 0.32 26.37 -1.67
C TYR B 175 -0.56 26.69 -2.88
N ALA B 176 -1.03 27.93 -2.96
CA ALA B 176 -2.01 28.32 -3.96
C ALA B 176 -1.41 28.84 -5.28
N ARG B 177 -0.09 28.96 -5.35
CA ARG B 177 0.54 29.52 -6.53
C ARG B 177 1.51 28.56 -7.24
N VAL B 178 1.88 28.91 -8.46
CA VAL B 178 2.81 28.09 -9.24
C VAL B 178 4.13 27.93 -8.51
N ILE B 179 4.61 26.69 -8.44
CA ILE B 179 5.93 26.42 -7.90
C ILE B 179 6.99 26.72 -8.97
N ASP B 180 7.94 27.60 -8.67
CA ASP B 180 8.94 27.98 -9.67
C ASP B 180 10.09 26.98 -9.66
N PHE B 181 9.91 25.86 -10.37
CA PHE B 181 10.94 24.81 -10.37
C PHE B 181 12.32 25.32 -10.84
N ALA B 182 12.35 26.22 -11.82
CA ALA B 182 13.62 26.74 -12.32
C ALA B 182 14.42 27.43 -11.22
N LYS B 183 13.75 28.25 -10.40
CA LYS B 183 14.47 28.90 -9.30
C LYS B 183 14.98 27.89 -8.27
N PHE B 184 14.15 26.89 -7.95
CA PHE B 184 14.62 25.83 -7.03
C PHE B 184 15.86 25.13 -7.58
N ARG B 185 15.88 24.89 -8.89
CA ARG B 185 17.03 24.21 -9.48
C ARG B 185 18.27 25.11 -9.49
N GLU B 186 18.08 26.40 -9.73
CA GLU B 186 19.19 27.34 -9.66
CA GLU B 186 19.19 27.34 -9.66
C GLU B 186 19.79 27.30 -8.26
N ILE B 187 18.93 27.31 -7.25
CA ILE B 187 19.38 27.24 -5.87
C ILE B 187 20.12 25.93 -5.55
N ALA B 188 19.57 24.80 -5.98
CA ALA B 188 20.20 23.49 -5.77
C ALA B 188 21.58 23.44 -6.42
N ASP B 189 21.68 24.03 -7.61
CA ASP B 189 22.93 24.05 -8.36
C ASP B 189 24.02 24.83 -7.62
N GLU B 190 23.63 25.94 -6.99
CA GLU B 190 24.60 26.75 -6.26
C GLU B 190 25.30 25.94 -5.17
N ILE B 191 24.54 25.06 -4.51
CA ILE B 191 25.08 24.32 -3.38
C ILE B 191 25.29 22.84 -3.70
N GLY B 192 25.17 22.49 -4.97
CA GLY B 192 25.39 21.12 -5.41
C GLY B 192 24.44 20.10 -4.81
N ALA B 193 23.18 20.50 -4.61
CA ALA B 193 22.19 19.58 -4.07
C ALA B 193 21.33 18.95 -5.16
N TYR B 194 20.71 17.81 -4.89
CA TYR B 194 19.66 17.31 -5.78
C TYR B 194 18.39 18.14 -5.59
N LEU B 195 17.59 18.24 -6.64
CA LEU B 195 16.26 18.82 -6.52
C LEU B 195 15.22 17.72 -6.73
N PHE B 196 14.33 17.55 -5.77
CA PHE B 196 13.30 16.52 -5.81
C PHE B 196 11.96 17.27 -5.80
N ALA B 197 11.12 17.05 -6.81
CA ALA B 197 9.80 17.68 -6.85
C ALA B 197 8.72 16.66 -6.53
N ASP B 198 8.01 16.89 -5.44
CA ASP B 198 6.85 16.06 -5.11
C ASP B 198 5.61 16.78 -5.58
N ILE B 199 5.07 16.34 -6.73
CA ILE B 199 3.97 17.04 -7.37
C ILE B 199 2.63 16.35 -7.15
N ALA B 200 2.52 15.60 -6.06
CA ALA B 200 1.30 14.86 -5.78
C ALA B 200 0.06 15.76 -5.83
N HIS B 201 0.16 16.99 -5.34
CA HIS B 201 -1.01 17.84 -5.24
C HIS B 201 -1.38 18.54 -6.53
N ILE B 202 -0.46 18.56 -7.49
CA ILE B 202 -0.73 19.28 -8.72
C ILE B 202 -0.49 18.46 -9.99
N ALA B 203 -0.20 17.17 -9.83
CA ALA B 203 0.17 16.34 -10.99
C ALA B 203 -0.85 16.35 -12.14
N GLY B 204 -2.14 16.35 -11.81
CA GLY B 204 -3.18 16.32 -12.82
C GLY B 204 -3.13 17.59 -13.66
N LEU B 205 -2.79 18.70 -13.03
CA LEU B 205 -2.59 19.94 -13.79
C LEU B 205 -1.33 19.90 -14.66
N VAL B 206 -0.24 19.41 -14.07
CA VAL B 206 1.03 19.29 -14.80
C VAL B 206 0.88 18.50 -16.11
N VAL B 207 0.26 17.32 -16.03
CA VAL B 207 0.19 16.49 -17.23
C VAL B 207 -0.73 17.08 -18.29
N ALA B 208 -1.59 18.01 -17.90
CA ALA B 208 -2.47 18.66 -18.84
C ALA B 208 -1.87 19.95 -19.39
N GLY B 209 -0.71 20.34 -18.87
CA GLY B 209 -0.10 21.60 -19.27
C GLY B 209 -0.73 22.80 -18.57
N GLU B 210 -1.45 22.55 -17.48
CA GLU B 210 -2.09 23.63 -16.70
C GLU B 210 -1.25 24.03 -15.49
N HIS B 211 -0.05 23.46 -15.38
CA HIS B 211 0.96 23.93 -14.42
C HIS B 211 2.26 23.55 -15.09
N PRO B 212 3.29 24.40 -14.95
CA PRO B 212 4.56 24.03 -15.58
C PRO B 212 5.07 22.68 -15.08
N SER B 213 5.77 21.97 -15.95
CA SER B 213 6.37 20.69 -15.57
C SER B 213 7.55 20.88 -14.63
N PRO B 214 7.74 19.95 -13.69
CA PRO B 214 8.97 19.99 -12.89
C PRO B 214 10.20 19.56 -13.70
N PHE B 215 9.99 18.90 -14.82
CA PHE B 215 11.11 18.60 -15.72
C PHE B 215 11.38 19.81 -16.62
N PRO B 216 12.65 20.09 -16.93
CA PRO B 216 13.90 19.38 -16.63
C PRO B 216 14.59 19.83 -15.34
N TYR B 217 13.89 20.58 -14.50
CA TYR B 217 14.57 21.20 -13.35
C TYR B 217 14.80 20.21 -12.21
N ALA B 218 13.82 19.35 -11.98
CA ALA B 218 13.94 18.36 -10.93
C ALA B 218 14.72 17.16 -11.44
N HIS B 219 15.63 16.64 -10.62
CA HIS B 219 16.35 15.42 -10.96
C HIS B 219 15.41 14.23 -10.90
N VAL B 220 14.51 14.27 -9.93
CA VAL B 220 13.56 13.19 -9.69
C VAL B 220 12.23 13.83 -9.32
N VAL B 221 11.14 13.18 -9.71
CA VAL B 221 9.81 13.71 -9.45
C VAL B 221 8.98 12.57 -8.85
N SER B 222 8.20 12.86 -7.82
CA SER B 222 7.26 11.86 -7.30
C SER B 222 5.85 12.39 -7.39
N SER B 223 4.87 11.50 -7.31
CA SER B 223 3.48 11.93 -7.26
C SER B 223 2.67 10.80 -6.66
N THR B 224 1.44 11.13 -6.26
CA THR B 224 0.47 10.11 -5.97
C THR B 224 -0.49 10.06 -7.14
N THR B 225 -1.27 8.98 -7.22
CA THR B 225 -2.12 8.77 -8.37
C THR B 225 -3.60 9.08 -8.14
N HIS B 226 -4.03 9.38 -6.90
CA HIS B 226 -5.47 9.63 -6.66
C HIS B 226 -5.89 11.10 -6.62
N LYS B 227 -5.18 11.88 -5.84
CA LYS B 227 -5.53 13.28 -5.56
C LYS B 227 -5.98 14.11 -6.75
N THR B 228 -5.11 14.17 -7.75
CA THR B 228 -5.23 15.13 -8.84
C THR B 228 -5.31 14.34 -10.16
N LEU B 229 -4.78 13.13 -10.15
CA LEU B 229 -4.79 12.31 -11.35
C LEU B 229 -6.01 11.43 -11.44
N ARG B 230 -6.81 11.41 -10.37
CA ARG B 230 -8.06 10.63 -10.33
C ARG B 230 -7.89 9.12 -10.53
N GLY B 231 -6.72 8.60 -10.21
CA GLY B 231 -6.52 7.17 -10.25
C GLY B 231 -6.73 6.56 -8.87
N PRO B 232 -6.20 5.36 -8.65
CA PRO B 232 -6.31 4.70 -7.34
C PRO B 232 -5.34 5.36 -6.37
N ARG B 233 -5.43 5.05 -5.07
CA ARG B 233 -4.43 5.56 -4.14
C ARG B 233 -3.10 4.82 -4.36
N GLY B 234 -2.00 5.56 -4.44
CA GLY B 234 -0.71 4.94 -4.65
C GLY B 234 0.31 6.00 -5.04
N GLY B 235 1.56 5.59 -5.18
CA GLY B 235 2.63 6.50 -5.58
C GLY B 235 3.32 6.12 -6.88
N ILE B 236 4.04 7.08 -7.46
CA ILE B 236 4.87 6.84 -8.64
C ILE B 236 6.12 7.71 -8.53
N ILE B 237 7.20 7.28 -9.17
CA ILE B 237 8.45 8.05 -9.24
C ILE B 237 8.92 8.13 -10.70
N THR B 239 11.93 9.92 -13.55
CA THR B 239 13.23 10.57 -13.72
C THR B 239 13.69 10.43 -15.17
N ASN B 240 14.67 11.24 -15.57
CA ASN B 240 15.24 11.09 -16.89
C ASN B 240 16.65 10.54 -16.84
N ASP B 241 17.17 10.32 -15.64
CA ASP B 241 18.55 9.93 -15.44
C ASP B 241 18.61 8.42 -15.20
N GLU B 242 19.30 7.69 -16.08
CA GLU B 242 19.28 6.23 -16.01
C GLU B 242 19.93 5.69 -14.75
N GLU B 243 20.99 6.34 -14.29
CA GLU B 243 21.64 5.90 -13.07
C GLU B 243 20.70 6.09 -11.89
N LEU B 244 20.03 7.25 -11.84
CA LEU B 244 19.09 7.49 -10.75
C LEU B 244 17.94 6.50 -10.83
N ALA B 245 17.50 6.18 -12.05
CA ALA B 245 16.40 5.22 -12.22
C ALA B 245 16.76 3.88 -11.58
N LYS B 246 17.98 3.41 -11.81
CA LYS B 246 18.43 2.15 -11.22
C LYS B 246 18.41 2.22 -9.70
N LYS B 247 18.83 3.35 -9.15
CA LYS B 247 18.90 3.52 -7.71
C LYS B 247 17.51 3.57 -7.08
N ILE B 248 16.59 4.23 -7.78
CA ILE B 248 15.20 4.31 -7.38
C ILE B 248 14.58 2.92 -7.41
N ASN B 249 14.86 2.15 -8.46
CA ASN B 249 14.28 0.82 -8.54
C ASN B 249 14.73 -0.06 -7.36
N SER B 250 16.01 0.00 -7.04
CA SER B 250 16.57 -0.79 -5.93
C SER B 250 16.05 -0.35 -4.57
N ALA B 251 15.88 0.97 -4.42
CA ALA B 251 15.38 1.54 -3.17
C ALA B 251 13.93 1.11 -2.90
N ILE B 252 13.11 1.10 -3.95
CA ILE B 252 11.73 0.65 -3.77
C ILE B 252 11.65 -0.86 -3.48
N PHE B 253 12.39 -1.65 -4.25
CA PHE B 253 12.49 -3.08 -4.01
C PHE B 253 13.90 -3.57 -4.29
N PRO B 254 14.54 -4.22 -3.31
CA PRO B 254 13.98 -4.67 -2.03
C PRO B 254 14.09 -3.66 -0.89
N GLY B 255 14.49 -2.43 -1.17
CA GLY B 255 14.80 -1.51 -0.10
C GLY B 255 13.67 -1.17 0.86
N ILE B 256 12.50 -0.84 0.32
CA ILE B 256 11.41 -0.25 1.10
C ILE B 256 10.12 -1.08 1.02
N GLN B 257 10.00 -1.88 -0.04
CA GLN B 257 8.80 -2.69 -0.26
C GLN B 257 9.16 -4.13 -0.61
N GLY B 258 8.17 -5.00 -0.58
CA GLY B 258 8.30 -6.34 -1.12
C GLY B 258 7.58 -6.39 -2.46
N GLY B 259 6.65 -7.32 -2.59
CA GLY B 259 5.83 -7.40 -3.78
C GLY B 259 4.87 -6.23 -3.90
N PRO B 260 4.66 -5.76 -5.13
CA PRO B 260 3.77 -4.60 -5.29
C PRO B 260 2.30 -5.03 -5.27
N LEU B 261 1.40 -4.05 -5.23
CA LEU B 261 -0.03 -4.32 -5.26
C LEU B 261 -0.45 -4.39 -6.73
N HIS B 263 -3.13 -5.31 -8.36
CA HIS B 263 -4.46 -4.81 -8.72
C HIS B 263 -4.42 -3.27 -8.74
N VAL B 264 -3.59 -2.69 -7.88
CA VAL B 264 -3.43 -1.23 -7.90
C VAL B 264 -2.63 -0.78 -9.10
N ILE B 265 -1.61 -1.54 -9.47
CA ILE B 265 -0.81 -1.17 -10.64
C ILE B 265 -1.68 -1.22 -11.91
N ALA B 266 -2.55 -2.22 -12.02
CA ALA B 266 -3.46 -2.28 -13.18
C ALA B 266 -4.37 -1.04 -13.15
N ALA B 267 -4.89 -0.73 -11.97
CA ALA B 267 -5.71 0.47 -11.78
C ALA B 267 -4.97 1.76 -12.18
N LYS B 268 -3.69 1.84 -11.83
CA LYS B 268 -2.88 3.00 -12.21
C LYS B 268 -2.83 3.14 -13.73
N ALA B 269 -2.65 2.00 -14.42
CA ALA B 269 -2.58 1.99 -15.88
C ALA B 269 -3.88 2.49 -16.50
N VAL B 270 -5.00 2.04 -15.96
CA VAL B 270 -6.32 2.50 -16.40
C VAL B 270 -6.45 4.01 -16.21
N GLY B 271 -6.10 4.49 -15.01
CA GLY B 271 -6.11 5.91 -14.74
C GLY B 271 -5.25 6.70 -15.72
N PHE B 272 -4.04 6.22 -15.96
CA PHE B 272 -3.15 6.93 -16.92
C PHE B 272 -3.75 6.99 -18.32
N LYS B 273 -4.48 5.94 -18.73
CA LYS B 273 -5.11 5.98 -20.05
C LYS B 273 -6.08 7.16 -20.11
N PHE B 274 -6.84 7.35 -19.04
CA PHE B 274 -7.75 8.50 -18.98
C PHE B 274 -6.96 9.82 -18.96
N ASN B 275 -5.88 9.87 -18.19
CA ASN B 275 -5.06 11.09 -18.10
C ASN B 275 -4.48 11.47 -19.45
N LEU B 276 -4.27 10.46 -20.30
CA LEU B 276 -3.68 10.68 -21.64
C LEU B 276 -4.70 11.15 -22.65
N SER B 277 -5.98 11.11 -22.28
CA SER B 277 -7.06 11.41 -23.24
C SER B 277 -7.28 12.91 -23.42
N ASP B 278 -7.98 13.30 -24.49
CA ASP B 278 -8.25 14.72 -24.73
C ASP B 278 -9.15 15.26 -23.62
N GLU B 279 -10.05 14.42 -23.15
CA GLU B 279 -10.96 14.75 -22.06
C GLU B 279 -10.22 15.21 -20.81
N TRP B 280 -9.01 14.69 -20.60
CA TRP B 280 -8.27 15.06 -19.40
C TRP B 280 -7.94 16.54 -19.40
N LYS B 281 -7.49 17.05 -20.54
CA LYS B 281 -7.12 18.47 -20.59
C LYS B 281 -8.35 19.34 -20.31
N VAL B 282 -9.50 18.94 -20.84
CA VAL B 282 -10.73 19.66 -20.55
C VAL B 282 -11.03 19.68 -19.05
N TYR B 283 -10.92 18.52 -18.42
CA TYR B 283 -11.09 18.42 -16.96
C TYR B 283 -10.13 19.35 -16.19
N ALA B 284 -8.85 19.25 -16.50
CA ALA B 284 -7.83 20.02 -15.78
C ALA B 284 -8.06 21.52 -15.92
N LYS B 285 -8.37 21.95 -17.14
CA LYS B 285 -8.68 23.35 -17.36
C LYS B 285 -9.89 23.77 -16.50
N GLN B 286 -10.91 22.92 -16.46
CA GLN B 286 -12.12 23.25 -15.68
C GLN B 286 -11.83 23.34 -14.18
N VAL B 287 -10.93 22.49 -13.69
CA VAL B 287 -10.48 22.56 -12.30
C VAL B 287 -9.95 23.95 -11.98
N ARG B 288 -9.08 24.47 -12.83
CA ARG B 288 -8.51 25.80 -12.62
C ARG B 288 -9.55 26.90 -12.75
N THR B 289 -10.39 26.79 -13.77
CA THR B 289 -11.46 27.77 -13.96
C THR B 289 -12.39 27.82 -12.76
N ASN B 290 -12.76 26.65 -12.26
CA ASN B 290 -13.61 26.57 -11.09
C ASN B 290 -12.97 27.20 -9.85
N ALA B 291 -11.66 27.00 -9.69
CA ALA B 291 -10.93 27.59 -8.57
C ALA B 291 -10.90 29.12 -8.71
N GLN B 292 -10.82 29.61 -9.94
CA GLN B 292 -10.83 31.05 -10.19
CA GLN B 292 -10.83 31.05 -10.18
C GLN B 292 -12.16 31.68 -9.79
N VAL B 293 -13.26 30.97 -10.08
CA VAL B 293 -14.59 31.45 -9.72
C VAL B 293 -14.74 31.46 -8.20
N LEU B 294 -14.30 30.38 -7.57
CA LEU B 294 -14.29 30.27 -6.13
C LEU B 294 -13.56 31.46 -5.51
N ALA B 295 -12.35 31.70 -5.98
CA ALA B 295 -11.52 32.80 -5.45
C ALA B 295 -12.15 34.15 -5.69
N ASN B 296 -12.65 34.38 -6.90
CA ASN B 296 -13.20 35.70 -7.22
C ASN B 296 -14.43 36.03 -6.41
N VAL B 297 -15.32 35.04 -6.26
CA VAL B 297 -16.53 35.26 -5.48
C VAL B 297 -16.21 35.52 -4.01
N LEU B 298 -15.35 34.69 -3.43
CA LEU B 298 -14.98 34.90 -2.03
C LEU B 298 -14.37 36.28 -1.81
N ASP B 300 -14.85 38.95 -3.75
CA ASP B 300 -15.90 39.95 -3.99
C ASP B 300 -16.81 40.06 -2.78
N ARG B 301 -16.96 38.95 -2.06
CA ARG B 301 -17.75 38.92 -0.84
C ARG B 301 -16.92 39.38 0.36
N LYS B 302 -15.74 39.93 0.06
CA LYS B 302 -14.90 40.59 1.05
C LYS B 302 -14.17 39.66 2.01
N PHE B 303 -13.87 38.45 1.56
CA PHE B 303 -13.01 37.56 2.36
C PHE B 303 -11.57 37.68 1.90
N LYS B 304 -10.65 37.46 2.83
CA LYS B 304 -9.22 37.49 2.52
C LYS B 304 -8.74 36.12 2.09
N LEU B 305 -8.07 36.04 0.94
CA LEU B 305 -7.41 34.81 0.51
C LEU B 305 -5.90 34.99 0.64
N VAL B 306 -5.23 33.94 1.11
CA VAL B 306 -3.77 33.95 1.14
C VAL B 306 -3.25 34.06 -0.29
N SER B 307 -2.39 35.05 -0.52
CA SER B 307 -1.84 35.38 -1.84
C SER B 307 -2.84 36.10 -2.75
N ASP B 308 -4.05 36.35 -2.25
CA ASP B 308 -5.07 37.13 -2.96
C ASP B 308 -5.56 36.46 -4.24
N GLY B 309 -5.61 35.13 -4.22
CA GLY B 309 -6.09 34.39 -5.38
C GLY B 309 -5.37 33.06 -5.46
N THR B 310 -5.37 32.47 -6.66
CA THR B 310 -4.78 31.17 -6.88
C THR B 310 -4.30 30.97 -8.32
N ASP B 311 -3.36 30.03 -8.51
CA ASP B 311 -2.89 29.64 -9.85
C ASP B 311 -3.33 28.22 -10.17
N ASN B 312 -3.89 27.56 -9.18
CA ASN B 312 -4.13 26.12 -9.31
C ASN B 312 -5.53 25.72 -8.85
N HIS B 313 -5.61 24.59 -8.16
CA HIS B 313 -6.89 23.96 -7.84
C HIS B 313 -7.43 24.35 -6.45
N LEU B 314 -6.66 25.14 -5.71
CA LEU B 314 -7.04 25.43 -4.34
C LEU B 314 -7.06 26.90 -3.98
N VAL B 315 -7.82 27.20 -2.94
CA VAL B 315 -7.89 28.53 -2.35
C VAL B 315 -7.61 28.35 -0.87
N LEU B 316 -6.91 29.32 -0.27
CA LEU B 316 -6.69 29.30 1.17
C LEU B 316 -7.17 30.63 1.76
N SER B 318 -8.03 33.35 4.79
CA SER B 318 -7.38 33.80 6.02
C SER B 318 -8.37 34.56 6.87
N PHE B 319 -8.50 34.15 8.13
CA PHE B 319 -9.43 34.78 9.05
C PHE B 319 -8.71 35.55 10.15
N LEU B 320 -7.54 36.11 9.82
CA LEU B 320 -6.79 36.90 10.78
C LEU B 320 -7.52 38.21 11.09
N ASP B 321 -8.33 38.66 10.15
CA ASP B 321 -9.09 39.89 10.28
C ASP B 321 -10.52 39.61 10.74
N ARG B 322 -10.77 38.37 11.15
CA ARG B 322 -12.14 37.96 11.44
C ARG B 322 -12.34 37.52 12.88
N GLU B 323 -13.61 37.43 13.26
CA GLU B 323 -14.02 37.05 14.59
C GLU B 323 -13.78 35.57 14.90
N PHE B 324 -14.03 34.72 13.91
CA PHE B 324 -14.01 33.27 14.10
C PHE B 324 -12.69 32.62 13.66
N SER B 325 -12.48 31.37 14.07
CA SER B 325 -11.27 30.64 13.74
C SER B 325 -11.47 29.77 12.51
N GLY B 326 -10.38 29.16 12.05
CA GLY B 326 -10.44 28.22 10.95
C GLY B 326 -11.24 26.97 11.31
N LYS B 327 -11.08 26.48 12.53
CA LYS B 327 -11.87 25.33 12.97
C LYS B 327 -13.35 25.67 13.04
N ASP B 328 -13.67 26.89 13.47
CA ASP B 328 -15.05 27.36 13.46
C ASP B 328 -15.65 27.30 12.05
N ALA B 329 -14.89 27.81 11.09
CA ALA B 329 -15.34 27.85 9.70
C ALA B 329 -15.55 26.44 9.14
N ASP B 330 -14.59 25.57 9.41
CA ASP B 330 -14.64 24.17 8.99
C ASP B 330 -15.91 23.49 9.51
N LEU B 331 -16.24 23.72 10.78
CA LEU B 331 -17.39 23.07 11.39
C LEU B 331 -18.72 23.63 10.89
N ALA B 332 -18.78 24.94 10.67
CA ALA B 332 -19.96 25.56 10.10
C ALA B 332 -20.21 25.00 8.70
N LEU B 333 -19.17 24.97 7.88
CA LEU B 333 -19.31 24.45 6.51
C LEU B 333 -19.75 22.99 6.56
N GLY B 334 -19.16 22.23 7.46
CA GLY B 334 -19.49 20.82 7.61
C GLY B 334 -20.96 20.63 7.92
N ASN B 335 -21.48 21.50 8.78
CA ASN B 335 -22.87 21.42 9.17
C ASN B 335 -23.80 21.79 8.01
N ALA B 336 -23.25 22.47 7.02
CA ALA B 336 -24.00 22.84 5.82
C ALA B 336 -23.77 21.84 4.67
N GLY B 337 -23.05 20.76 4.95
CA GLY B 337 -22.87 19.71 3.97
C GLY B 337 -21.62 19.86 3.12
N ILE B 338 -20.77 20.80 3.50
CA ILE B 338 -19.56 21.08 2.74
C ILE B 338 -18.36 20.61 3.51
N THR B 339 -17.60 19.68 2.95
CA THR B 339 -16.40 19.17 3.63
C THR B 339 -15.18 19.92 3.13
N ALA B 340 -14.49 20.60 4.05
CA ALA B 340 -13.25 21.31 3.76
C ALA B 340 -12.28 20.99 4.89
N ASN B 341 -11.23 21.78 5.06
CA ASN B 341 -10.38 21.59 6.22
C ASN B 341 -9.75 22.87 6.71
N LYS B 342 -9.74 23.04 8.03
CA LYS B 342 -9.05 24.15 8.64
C LYS B 342 -7.56 24.06 8.28
N ASN B 343 -6.87 25.17 8.33
CA ASN B 343 -5.50 25.21 7.86
C ASN B 343 -4.85 26.47 8.41
N THR B 344 -3.61 26.37 8.86
CA THR B 344 -2.90 27.54 9.38
C THR B 344 -2.59 28.47 8.22
N VAL B 345 -2.36 29.75 8.51
CA VAL B 345 -2.05 30.73 7.48
C VAL B 345 -0.87 31.60 7.91
N PRO B 346 -0.24 32.29 6.95
CA PRO B 346 0.88 33.18 7.32
C PRO B 346 0.43 34.19 8.36
N GLY B 347 1.31 34.48 9.32
CA GLY B 347 0.96 35.35 10.43
C GLY B 347 0.07 34.67 11.45
N GLU B 348 -0.02 33.35 11.37
CA GLU B 348 -0.87 32.55 12.26
C GLU B 348 -0.77 33.02 13.71
N ILE B 349 -1.92 33.14 14.38
CA ILE B 349 -1.95 33.56 15.79
C ILE B 349 -2.61 32.55 16.71
N ARG B 350 -3.09 31.44 16.16
CA ARG B 350 -3.78 30.43 16.96
C ARG B 350 -3.02 29.09 16.95
N SER B 351 -3.36 28.23 17.89
CA SER B 351 -2.85 26.86 17.90
C SER B 351 -3.03 26.18 16.54
N PRO B 352 -2.05 25.35 16.15
CA PRO B 352 -2.12 24.57 14.91
C PRO B 352 -3.32 23.63 14.92
N PHE B 353 -3.94 23.46 16.08
CA PHE B 353 -5.12 22.62 16.22
C PHE B 353 -6.38 23.43 16.02
N ILE B 354 -6.24 24.75 16.03
CA ILE B 354 -7.37 25.66 15.82
C ILE B 354 -7.28 26.40 14.47
N THR B 355 -6.12 26.99 14.20
CA THR B 355 -5.85 27.68 12.94
C THR B 355 -6.71 28.92 12.73
N SER B 356 -6.26 29.78 11.81
CA SER B 356 -7.00 30.96 11.43
C SER B 356 -7.34 30.94 9.95
N GLY B 357 -7.43 29.75 9.38
CA GLY B 357 -7.68 29.63 7.94
C GLY B 357 -8.45 28.39 7.52
N LEU B 358 -8.80 28.35 6.25
CA LEU B 358 -9.57 27.26 5.68
C LEU B 358 -9.10 26.98 4.27
N ARG B 359 -8.80 25.72 3.97
CA ARG B 359 -8.39 25.35 2.62
C ARG B 359 -9.56 24.73 1.88
N LEU B 360 -9.74 25.16 0.64
CA LEU B 360 -10.83 24.66 -0.20
C LEU B 360 -10.24 24.32 -1.57
N GLY B 361 -10.75 23.27 -2.20
CA GLY B 361 -10.28 22.90 -3.53
C GLY B 361 -11.41 22.46 -4.44
N THR B 362 -11.14 22.45 -5.75
CA THR B 362 -12.17 22.17 -6.75
C THR B 362 -12.07 20.83 -7.51
N PRO B 363 -10.98 20.05 -7.31
CA PRO B 363 -10.94 18.83 -8.13
C PRO B 363 -12.17 17.91 -8.06
N ALA B 364 -12.67 17.63 -6.86
CA ALA B 364 -13.77 16.68 -6.75
C ALA B 364 -15.07 17.23 -7.31
N LEU B 365 -15.40 18.47 -7.00
CA LEU B 365 -16.62 19.07 -7.56
C LEU B 365 -16.54 19.13 -9.09
N THR B 366 -15.35 19.43 -9.60
CA THR B 366 -15.16 19.45 -11.05
C THR B 366 -15.37 18.07 -11.66
N ALA B 367 -14.88 17.06 -10.97
CA ALA B 367 -15.03 15.68 -11.41
C ALA B 367 -16.51 15.29 -11.50
N ARG B 368 -17.34 15.82 -10.60
CA ARG B 368 -18.75 15.43 -10.67
C ARG B 368 -19.56 16.29 -11.64
N GLY B 369 -18.88 17.24 -12.28
CA GLY B 369 -19.50 18.02 -13.36
C GLY B 369 -19.83 19.47 -13.07
N PHE B 370 -19.42 19.98 -11.90
CA PHE B 370 -19.68 21.39 -11.57
C PHE B 370 -18.92 22.31 -12.53
N LYS B 371 -19.57 23.36 -13.01
CA LYS B 371 -18.87 24.34 -13.82
C LYS B 371 -18.97 25.71 -13.17
N GLU B 372 -18.69 26.77 -13.93
CA GLU B 372 -18.66 28.10 -13.32
C GLU B 372 -19.94 28.47 -12.58
N LYS B 373 -21.10 28.13 -13.15
CA LYS B 373 -22.35 28.53 -12.52
C LYS B 373 -22.51 27.84 -11.17
N GLU B 374 -22.19 26.56 -11.12
CA GLU B 374 -22.30 25.82 -9.85
C GLU B 374 -21.29 26.33 -8.82
N GLU B 376 -20.15 29.39 -8.61
CA GLU B 376 -20.65 30.66 -8.11
C GLU B 376 -21.72 30.46 -7.04
N ILE B 377 -22.61 29.51 -7.26
CA ILE B 377 -23.64 29.19 -6.28
C ILE B 377 -23.06 28.72 -4.94
N VAL B 378 -22.14 27.78 -5.01
CA VAL B 378 -21.53 27.23 -3.80
C VAL B 378 -20.69 28.29 -3.09
N SER B 379 -19.95 29.07 -3.88
CA SER B 379 -19.08 30.10 -3.31
C SER B 379 -19.89 31.13 -2.54
N ASN B 380 -21.02 31.55 -3.11
CA ASN B 380 -21.86 32.51 -2.41
C ASN B 380 -22.47 31.96 -1.12
N TYR B 381 -22.83 30.69 -1.13
CA TYR B 381 -23.34 30.02 0.08
C TYR B 381 -22.23 29.93 1.14
N ILE B 382 -21.03 29.55 0.73
CA ILE B 382 -19.91 29.52 1.66
C ILE B 382 -19.81 30.90 2.33
N ALA B 383 -19.89 31.93 1.50
CA ALA B 383 -19.80 33.31 1.97
C ALA B 383 -20.93 33.61 2.95
N ASP B 384 -22.15 33.16 2.61
CA ASP B 384 -23.31 33.43 3.45
C ASP B 384 -23.07 32.87 4.84
N ILE B 385 -22.59 31.63 4.90
CA ILE B 385 -22.33 30.94 6.15
C ILE B 385 -21.29 31.67 7.00
N LEU B 386 -20.16 31.99 6.38
CA LEU B 386 -19.07 32.62 7.11
C LEU B 386 -19.38 34.07 7.47
N ASP B 387 -20.38 34.63 6.81
CA ASP B 387 -20.87 35.96 7.17
C ASP B 387 -21.71 35.91 8.43
N ASP B 388 -22.17 34.70 8.77
CA ASP B 388 -23.06 34.51 9.92
C ASP B 388 -22.77 33.14 10.51
N VAL B 389 -21.53 32.95 10.96
CA VAL B 389 -20.98 31.62 11.22
C VAL B 389 -21.66 30.85 12.35
N ASN B 390 -22.36 31.57 13.22
CA ASN B 390 -23.02 30.94 14.35
C ASN B 390 -24.48 30.57 14.08
N ASN B 391 -25.00 31.01 12.94
CA ASN B 391 -26.39 30.72 12.58
C ASN B 391 -26.57 29.29 12.09
N GLU B 392 -26.95 28.41 13.00
CA GLU B 392 -27.03 26.98 12.70
C GLU B 392 -28.23 26.66 11.82
N LYS B 393 -29.26 27.51 11.88
CA LYS B 393 -30.42 27.32 11.03
C LYS B 393 -30.07 27.60 9.57
N LEU B 394 -29.30 28.66 9.33
CA LEU B 394 -28.81 28.95 7.98
C LEU B 394 -28.05 27.76 7.38
N GLN B 395 -27.21 27.12 8.19
CA GLN B 395 -26.44 25.96 7.72
C GLN B 395 -27.35 24.80 7.36
N GLU B 396 -28.36 24.54 8.18
CA GLU B 396 -29.31 23.47 7.88
C GLU B 396 -30.02 23.72 6.55
N ASN B 397 -30.42 24.97 6.32
CA ASN B 397 -31.14 25.34 5.10
C ASN B 397 -30.27 25.13 3.87
N ILE B 398 -29.05 25.66 3.94
CA ILE B 398 -28.10 25.52 2.85
C ILE B 398 -27.79 24.05 2.60
N LYS B 399 -27.74 23.26 3.66
CA LYS B 399 -27.45 21.84 3.52
C LYS B 399 -28.47 21.18 2.60
N GLN B 400 -29.74 21.51 2.81
CA GLN B 400 -30.81 20.96 1.98
C GLN B 400 -30.73 21.46 0.54
N GLU B 401 -30.45 22.75 0.36
CA GLU B 401 -30.31 23.32 -0.99
C GLU B 401 -29.14 22.67 -1.73
N LEU B 402 -28.03 22.45 -1.03
CA LEU B 402 -26.85 21.83 -1.64
C LEU B 402 -27.06 20.34 -1.98
N LYS B 403 -27.78 19.63 -1.14
CA LYS B 403 -28.12 18.25 -1.44
C LYS B 403 -28.96 18.21 -2.72
N LYS B 404 -29.91 19.12 -2.86
CA LYS B 404 -30.69 19.22 -4.09
C LYS B 404 -29.75 19.52 -5.27
N LEU B 405 -28.87 20.50 -5.11
CA LEU B 405 -27.99 20.89 -6.21
C LEU B 405 -27.15 19.71 -6.63
N ALA B 406 -26.60 19.02 -5.63
CA ALA B 406 -25.70 17.89 -5.84
C ALA B 406 -26.41 16.74 -6.54
N SER B 407 -27.73 16.65 -6.38
CA SER B 407 -28.48 15.55 -6.97
C SER B 407 -28.48 15.58 -8.49
N ASN B 408 -28.06 16.71 -9.05
CA ASN B 408 -27.97 16.83 -10.50
C ASN B 408 -26.61 16.40 -11.03
N PHE B 409 -25.71 16.04 -10.12
CA PHE B 409 -24.33 15.72 -10.50
C PHE B 409 -23.85 14.42 -9.84
N ILE B 410 -24.52 13.32 -10.17
CA ILE B 410 -24.21 12.03 -9.55
C ILE B 410 -23.33 11.25 -10.50
N ILE B 411 -22.13 10.89 -10.08
CA ILE B 411 -21.27 10.11 -10.97
C ILE B 411 -21.19 8.63 -10.65
N TYR B 412 -21.68 8.23 -9.48
CA TYR B 412 -21.70 6.83 -9.09
C TYR B 412 -23.12 6.33 -8.85
N GLU B 413 -23.52 5.29 -9.59
CA GLU B 413 -24.82 4.67 -9.37
C GLU B 413 -24.75 3.60 -8.28
N ARG B 414 -23.54 3.22 -7.90
CA ARG B 414 -23.36 2.18 -6.89
C ARG B 414 -22.06 2.38 -6.14
N ALA B 415 -21.89 1.66 -5.04
CA ALA B 415 -20.74 1.88 -4.17
C ALA B 415 -19.56 0.99 -4.54
N PHE B 417 -17.72 -1.61 -7.53
CA PHE B 417 -17.59 -1.80 -8.96
C PHE B 417 -16.86 -3.09 -9.30
#